data_2OOY
#
_entry.id   2OOY
#
_cell.length_a   166.902
_cell.length_b   77.666
_cell.length_c   107.576
_cell.angle_alpha   90.00
_cell.angle_beta   123.99
_cell.angle_gamma   90.00
#
_symmetry.space_group_name_H-M   'C 1 2 1'
#
loop_
_entity.id
_entity.type
_entity.pdbx_description
1 polymer 'SNF1-like protein kinase ssp2'
2 polymer 'SPCC1919.03c protein'
3 polymer 'Hypothetical protein C1556.08c in chromosome I'
4 non-polymer "ADENOSINE-5'-TRIPHOSPHATE"
5 non-polymer 'CITRATE ANION'
6 water water
#
loop_
_entity_poly.entity_id
_entity_poly.type
_entity_poly.pdbx_seq_one_letter_code
_entity_poly.pdbx_strand_id
1 'polypeptide(L)'
;SQSTRKKSRRNKWHFGVRCRGDAPEILLAVYRALQRAGAQFTVPKPVNGKYRSDMYTIKSRWEIPHCKREGKNTYAYIEL
QLYEVMPGCFMLDVKSNGYKDIYSHPERTADHGMDDLKSSFPFLDLCAMLVCKLFSA
;
A,C
2 'polypeptide(L)'
;MSESEQYSTEIPAFLTSNTLQELKLPKPPSLPPHLEKCILNSNTAYKEDQSVLPNPNHVLLNHLAAANTQLGVLALSATT
RYHRKYVTTAMFKNFDV
;
B,D
3 'polypeptide(L)'
;MDVQETQKGALKEIQAFIRSRTSYDVLPTSFRLIVFDVTLFVKTSLSLLTLNNIVSAPLWDSEANKFAGLLTMADFVNVI
KYYYQSSSFPEAIAEIDKFRLLGLREVERKIGAIPPETIYVHPMHSLMDACLAMSKSRARRIPLIDVDGETGSEMIVSVL
TQYRILKFISMNCKETAMLRVPLNQMTIGTWSNLATASMETKVYDVIKMLAEKNISAVPIVNSEGTLLNVYESVDVMHLI
QDGDYSNLDLSVGEALLKRPANFDGVHTCRATDRLDGIFDAIKHSRVHRLFVVDENLKLEGILSLADILNYIIYDKTTTP
GVPEQTDNFESAV
;
G,E
#
loop_
_chem_comp.id
_chem_comp.type
_chem_comp.name
_chem_comp.formula
ATP non-polymer ADENOSINE-5'-TRIPHOSPHATE 'C10 H16 N5 O13 P3'
FLC non-polymer 'CITRATE ANION' 'C6 H5 O7 -3'
#
# COMPACT_ATOMS: atom_id res chain seq x y z
N SER A 8 -11.66 -13.98 1.85
CA SER A 8 -13.06 -14.40 1.59
C SER A 8 -13.66 -13.78 0.32
N ARG A 9 -13.25 -14.28 -0.84
CA ARG A 9 -13.95 -13.98 -2.11
C ARG A 9 -13.39 -14.84 -3.27
N ARG A 10 -12.91 -16.05 -2.90
CA ARG A 10 -12.16 -17.04 -3.75
C ARG A 10 -10.66 -16.70 -3.96
N ASN A 11 -10.27 -15.53 -3.46
CA ASN A 11 -8.94 -15.21 -2.95
C ASN A 11 -8.90 -15.68 -1.48
N LYS A 12 -8.90 -17.02 -1.34
CA LYS A 12 -8.93 -17.77 -0.07
C LYS A 12 -7.93 -18.97 -0.06
N TRP A 13 -7.95 -19.75 1.01
CA TRP A 13 -6.88 -20.70 1.28
C TRP A 13 -7.00 -21.97 0.52
N HIS A 14 -5.91 -22.33 -0.12
CA HIS A 14 -5.77 -23.56 -0.85
C HIS A 14 -4.34 -24.04 -0.63
N PHE A 15 -4.10 -25.32 -0.85
CA PHE A 15 -2.79 -25.78 -0.56
C PHE A 15 -1.78 -25.38 -1.58
N GLY A 16 -0.54 -25.26 -1.11
CA GLY A 16 0.60 -25.16 -2.02
C GLY A 16 0.41 -24.08 -3.05
N VAL A 17 1.03 -24.26 -4.19
CA VAL A 17 1.05 -23.20 -5.17
C VAL A 17 0.43 -23.61 -6.49
N ARG A 18 -0.56 -22.85 -6.92
CA ARG A 18 -1.22 -23.18 -8.15
C ARG A 18 -0.24 -23.07 -9.29
N CYS A 19 -0.43 -23.93 -10.30
CA CYS A 19 0.37 -23.96 -11.54
C CYS A 19 -0.42 -24.22 -12.85
N ARG A 20 0.14 -23.75 -13.98
CA ARG A 20 -0.47 -23.88 -15.31
C ARG A 20 0.54 -24.16 -16.40
N GLY A 21 0.11 -24.68 -17.54
CA GLY A 21 1.03 -24.98 -18.63
C GLY A 21 1.42 -26.45 -18.59
N ASP A 22 2.70 -26.76 -18.75
CA ASP A 22 3.05 -28.17 -18.84
C ASP A 22 3.93 -28.69 -17.74
N ALA A 23 3.36 -29.68 -17.03
CA ALA A 23 4.03 -30.49 -16.02
C ALA A 23 5.55 -30.49 -16.11
N PRO A 24 6.12 -30.97 -17.26
CA PRO A 24 7.57 -30.90 -17.37
C PRO A 24 8.09 -29.49 -17.17
N GLU A 25 7.56 -28.53 -17.92
CA GLU A 25 8.01 -27.15 -17.77
C GLU A 25 7.99 -26.68 -16.30
N ILE A 26 6.92 -27.04 -15.59
CA ILE A 26 6.75 -26.69 -14.18
C ILE A 26 7.91 -27.30 -13.43
N LEU A 27 8.01 -28.61 -13.36
CA LEU A 27 9.17 -29.22 -12.69
C LEU A 27 10.38 -28.38 -12.96
N LEU A 28 10.69 -28.18 -14.24
CA LEU A 28 11.84 -27.33 -14.60
C LEU A 28 11.91 -26.02 -13.77
N ALA A 29 10.78 -25.29 -13.71
CA ALA A 29 10.72 -24.03 -12.89
C ALA A 29 11.17 -24.33 -11.48
N VAL A 30 10.59 -25.40 -10.94
CA VAL A 30 10.71 -25.75 -9.53
C VAL A 30 12.14 -26.04 -9.17
N TYR A 31 12.81 -26.83 -10.01
CA TYR A 31 14.21 -27.10 -9.80
C TYR A 31 14.90 -25.76 -9.83
N ARG A 32 14.79 -25.04 -10.93
CA ARG A 32 15.46 -23.77 -11.05
C ARG A 32 15.18 -22.87 -9.87
N ALA A 33 13.96 -22.99 -9.32
CA ALA A 33 13.58 -22.15 -8.19
C ALA A 33 14.42 -22.56 -6.96
N LEU A 34 14.21 -23.80 -6.49
CA LEU A 34 15.18 -24.51 -5.66
C LEU A 34 16.63 -24.13 -5.96
N GLN A 35 16.99 -24.20 -7.24
CA GLN A 35 18.38 -24.09 -7.65
C GLN A 35 18.89 -22.84 -7.09
N ARG A 36 18.23 -21.76 -7.51
CA ARG A 36 18.69 -20.40 -7.25
C ARG A 36 18.35 -19.94 -5.84
N ALA A 37 17.48 -20.69 -5.18
CA ALA A 37 17.23 -20.54 -3.73
C ALA A 37 18.45 -20.90 -2.94
N GLY A 38 19.25 -21.81 -3.51
CA GLY A 38 20.29 -22.50 -2.70
C GLY A 38 19.81 -23.73 -1.94
N ALA A 39 18.72 -24.34 -2.37
CA ALA A 39 18.33 -25.61 -1.82
C ALA A 39 19.05 -26.71 -2.56
N GLN A 40 18.80 -27.95 -2.11
CA GLN A 40 19.47 -29.11 -2.67
C GLN A 40 18.39 -30.04 -2.81
N PHE A 41 18.29 -30.66 -3.96
CA PHE A 41 17.14 -31.45 -4.27
C PHE A 41 17.46 -32.86 -4.70
N THR A 42 16.44 -33.71 -4.75
CA THR A 42 16.55 -35.05 -5.30
C THR A 42 16.28 -34.95 -6.81
N VAL A 43 16.96 -35.75 -7.62
CA VAL A 43 16.91 -35.61 -9.08
C VAL A 43 16.22 -36.85 -9.62
N PRO A 44 15.44 -36.73 -10.71
CA PRO A 44 14.81 -37.92 -11.29
C PRO A 44 15.78 -39.01 -11.69
N LYS A 45 15.35 -40.24 -11.42
CA LYS A 45 16.09 -41.46 -11.77
C LYS A 45 15.17 -42.26 -12.67
N PRO A 46 15.62 -42.60 -13.87
CA PRO A 46 14.77 -43.57 -14.58
C PRO A 46 14.95 -45.01 -14.12
N VAL A 47 13.90 -45.80 -14.33
CA VAL A 47 14.04 -47.24 -14.62
C VAL A 47 14.62 -47.20 -16.03
N ASN A 48 15.68 -47.99 -16.34
CA ASN A 48 16.46 -47.64 -17.55
C ASN A 48 15.88 -47.78 -18.99
N GLY A 49 14.57 -47.57 -19.16
CA GLY A 49 14.02 -47.14 -20.47
C GLY A 49 13.82 -45.61 -20.53
N LYS A 50 13.47 -45.05 -19.35
CA LYS A 50 13.26 -43.61 -19.07
C LYS A 50 12.36 -43.44 -17.81
N TYR A 51 11.85 -42.23 -17.60
CA TYR A 51 11.33 -41.78 -16.30
C TYR A 51 9.95 -42.30 -15.84
N ARG A 52 9.45 -41.75 -14.73
CA ARG A 52 8.09 -42.05 -14.24
C ARG A 52 7.50 -40.99 -13.27
N SER A 53 6.21 -41.12 -12.94
CA SER A 53 5.49 -40.16 -12.09
C SER A 53 6.41 -39.53 -11.04
N ASP A 54 6.88 -40.31 -10.10
CA ASP A 54 7.65 -39.78 -9.01
C ASP A 54 8.77 -38.83 -9.43
N MET A 55 8.98 -38.53 -10.70
CA MET A 55 9.92 -37.41 -10.98
C MET A 55 9.31 -36.11 -10.52
N TYR A 56 8.03 -36.13 -10.19
CA TYR A 56 7.25 -34.99 -9.72
C TYR A 56 7.14 -34.94 -8.20
N THR A 57 8.15 -35.51 -7.53
CA THR A 57 8.20 -35.66 -6.07
C THR A 57 9.61 -35.39 -5.67
N ILE A 58 9.88 -34.12 -5.42
CA ILE A 58 11.23 -33.69 -5.14
C ILE A 58 11.41 -33.64 -3.65
N LYS A 59 12.61 -33.94 -3.17
CA LYS A 59 12.91 -33.79 -1.77
C LYS A 59 14.00 -32.80 -1.72
N SER A 60 13.89 -31.81 -0.87
CA SER A 60 14.90 -30.80 -0.86
C SER A 60 15.59 -30.68 0.51
N ARG A 61 16.89 -30.42 0.52
CA ARG A 61 17.52 -30.04 1.73
C ARG A 61 17.76 -28.53 1.70
N TRP A 62 17.44 -27.87 2.80
CA TRP A 62 17.66 -26.44 2.91
C TRP A 62 18.57 -26.12 4.12
N GLU A 63 19.56 -25.28 3.89
CA GLU A 63 20.35 -24.85 4.98
C GLU A 63 19.49 -23.80 5.67
N ILE A 64 19.18 -23.95 6.95
CA ILE A 64 18.34 -22.95 7.60
C ILE A 64 19.13 -21.64 7.71
N PRO A 65 18.84 -20.63 6.89
CA PRO A 65 19.70 -19.42 6.94
C PRO A 65 20.22 -18.91 8.29
N HIS A 66 19.38 -18.80 9.31
CA HIS A 66 19.88 -18.30 10.62
C HIS A 66 20.79 -19.26 11.32
N CYS A 67 20.53 -20.54 11.17
CA CYS A 67 21.41 -21.55 11.68
C CYS A 67 22.80 -21.40 11.08
N LYS A 68 22.89 -21.43 9.75
CA LYS A 68 24.18 -21.19 9.10
C LYS A 68 24.92 -20.08 9.82
N ARG A 69 24.37 -18.87 9.68
CA ARG A 69 25.00 -17.55 9.92
C ARG A 69 25.53 -17.38 11.31
N GLU A 70 25.19 -18.29 12.21
CA GLU A 70 25.80 -18.25 13.54
C GLU A 70 26.36 -19.61 13.88
N GLY A 71 27.32 -20.04 13.07
CA GLY A 71 27.95 -21.36 13.21
C GLY A 71 27.22 -22.60 12.65
N LYS A 72 26.32 -23.20 13.45
CA LYS A 72 25.71 -24.54 13.24
C LYS A 72 25.24 -24.96 11.85
N ASN A 73 25.05 -26.26 11.67
CA ASN A 73 24.84 -26.82 10.33
C ASN A 73 23.56 -27.63 10.38
N THR A 74 22.47 -26.88 10.41
CA THR A 74 21.15 -27.46 10.51
C THR A 74 20.33 -27.26 9.23
N TYR A 75 19.54 -28.28 8.93
CA TYR A 75 18.93 -28.47 7.63
C TYR A 75 17.39 -28.50 7.67
N ALA A 76 16.76 -27.94 6.63
CA ALA A 76 15.34 -28.16 6.47
C ALA A 76 15.04 -29.07 5.29
N TYR A 77 14.20 -30.04 5.61
CA TYR A 77 13.75 -31.06 4.72
C TYR A 77 12.32 -30.77 4.26
N ILE A 78 12.21 -30.58 2.96
CA ILE A 78 11.01 -30.16 2.29
C ILE A 78 10.75 -31.08 1.08
N GLU A 79 9.62 -31.75 1.10
CA GLU A 79 9.22 -32.54 -0.03
C GLU A 79 8.18 -31.80 -0.81
N LEU A 80 8.29 -31.89 -2.12
CA LEU A 80 7.44 -31.16 -3.00
C LEU A 80 6.81 -32.12 -3.95
N GLN A 81 5.49 -32.04 -4.02
CA GLN A 81 4.74 -32.84 -4.95
C GLN A 81 4.09 -31.95 -5.94
N LEU A 82 3.86 -32.46 -7.14
CA LEU A 82 3.07 -31.76 -8.14
C LEU A 82 1.91 -32.62 -8.54
N TYR A 83 0.73 -32.04 -8.61
CA TYR A 83 -0.48 -32.75 -8.95
C TYR A 83 -1.13 -32.06 -10.10
N GLU A 84 -1.70 -32.80 -11.03
CA GLU A 84 -2.61 -32.20 -11.99
C GLU A 84 -3.95 -32.03 -11.23
N VAL A 85 -4.60 -30.86 -11.34
CA VAL A 85 -5.98 -30.70 -10.84
C VAL A 85 -7.08 -30.87 -11.93
N MET A 86 -6.93 -30.14 -13.04
CA MET A 86 -7.58 -30.51 -14.27
C MET A 86 -6.52 -30.22 -15.33
N PRO A 87 -6.77 -30.56 -16.63
CA PRO A 87 -5.70 -30.40 -17.66
C PRO A 87 -5.15 -28.97 -17.65
N GLY A 88 -3.86 -28.79 -17.90
CA GLY A 88 -3.21 -27.47 -17.80
C GLY A 88 -3.07 -26.87 -16.39
N CYS A 89 -3.68 -27.51 -15.38
CA CYS A 89 -3.77 -26.99 -14.02
C CYS A 89 -3.13 -27.83 -12.91
N PHE A 90 -2.24 -27.22 -12.12
CA PHE A 90 -1.48 -27.96 -11.10
C PHE A 90 -1.29 -27.26 -9.76
N MET A 91 -1.01 -28.08 -8.75
CA MET A 91 -0.77 -27.62 -7.40
C MET A 91 0.59 -28.07 -6.97
N LEU A 92 1.54 -27.14 -6.96
CA LEU A 92 2.80 -27.53 -6.35
C LEU A 92 2.66 -27.69 -4.84
N ASP A 93 2.45 -28.92 -4.36
CA ASP A 93 2.24 -29.18 -2.95
C ASP A 93 3.55 -29.25 -2.18
N VAL A 94 3.69 -28.35 -1.23
CA VAL A 94 4.92 -28.21 -0.48
C VAL A 94 4.58 -28.90 0.78
N LYS A 95 5.56 -29.08 1.68
CA LYS A 95 5.41 -29.96 2.84
C LYS A 95 6.72 -30.11 3.60
N SER A 96 6.73 -29.57 4.81
CA SER A 96 7.84 -29.79 5.67
C SER A 96 7.80 -31.23 6.07
N ASN A 97 8.98 -31.84 6.14
CA ASN A 97 9.15 -33.02 6.94
C ASN A 97 10.45 -33.04 7.76
N GLY A 98 10.93 -31.84 8.11
CA GLY A 98 11.69 -31.66 9.35
C GLY A 98 12.87 -30.69 9.48
N TYR A 99 13.32 -30.51 10.70
CA TYR A 99 14.52 -29.76 10.91
C TYR A 99 15.52 -30.67 11.61
N LYS A 100 16.79 -30.66 11.20
CA LYS A 100 17.85 -31.56 11.79
C LYS A 100 19.29 -31.03 11.74
N ASP A 101 19.84 -30.75 12.92
CA ASP A 101 21.20 -30.24 13.03
C ASP A 101 22.04 -31.48 13.05
N ILE A 102 23.17 -31.48 12.37
CA ILE A 102 23.89 -32.73 12.30
C ILE A 102 24.53 -33.02 13.66
N TYR A 103 23.77 -33.73 14.49
CA TYR A 103 24.03 -33.99 15.94
C TYR A 103 24.32 -32.71 16.76
N SER A 104 23.60 -32.41 17.86
CA SER A 104 22.48 -33.12 18.49
C SER A 104 21.85 -32.51 19.80
N HIS A 105 22.44 -31.56 20.57
CA HIS A 105 23.49 -30.51 20.34
C HIS A 105 24.96 -30.99 20.82
N PRO A 106 26.02 -30.10 21.02
CA PRO A 106 27.18 -30.33 21.97
C PRO A 106 27.04 -31.23 23.21
N GLU A 107 25.83 -31.71 23.44
CA GLU A 107 25.40 -32.61 24.49
C GLU A 107 23.89 -32.81 24.21
N ARG A 108 23.23 -33.69 24.94
CA ARG A 108 21.76 -33.65 25.01
C ARG A 108 20.93 -34.42 23.97
N THR A 109 19.76 -34.83 24.45
CA THR A 109 18.70 -35.40 23.65
C THR A 109 17.69 -36.08 24.62
N ALA A 110 16.86 -35.24 25.29
CA ALA A 110 15.67 -35.69 26.09
C ALA A 110 14.35 -35.67 25.26
N ASP A 111 13.72 -36.85 25.16
CA ASP A 111 12.93 -37.28 23.97
C ASP A 111 11.51 -37.85 24.26
N HIS A 112 11.46 -39.19 24.21
CA HIS A 112 10.56 -40.09 24.97
C HIS A 112 9.03 -39.94 24.95
N GLY A 113 8.54 -38.75 24.64
CA GLY A 113 7.08 -38.61 24.57
C GLY A 113 6.45 -37.23 24.56
N MET A 114 5.84 -36.91 23.41
CA MET A 114 6.01 -37.72 22.19
C MET A 114 6.77 -36.82 21.20
N ASP A 115 7.93 -37.29 20.73
CA ASP A 115 8.87 -36.53 19.85
C ASP A 115 8.65 -35.00 19.78
N ASP A 116 9.36 -34.27 20.62
CA ASP A 116 9.38 -32.77 20.71
C ASP A 116 9.15 -31.87 19.45
N LEU A 117 8.87 -30.59 19.73
CA LEU A 117 8.49 -29.54 18.77
C LEU A 117 8.80 -29.67 17.28
N LYS A 118 7.77 -29.78 16.48
CA LYS A 118 7.95 -29.47 15.07
C LYS A 118 7.31 -28.10 14.81
N SER A 119 8.09 -27.04 14.74
CA SER A 119 7.47 -25.76 14.46
C SER A 119 7.27 -25.53 12.96
N SER A 120 6.49 -24.52 12.60
CA SER A 120 6.13 -24.24 11.24
C SER A 120 7.20 -23.40 10.62
N PHE A 121 8.13 -22.99 11.45
CA PHE A 121 9.28 -22.27 10.99
C PHE A 121 10.58 -23.05 11.32
N PRO A 122 11.63 -22.82 10.53
CA PRO A 122 11.64 -21.86 9.44
C PRO A 122 10.87 -22.36 8.24
N PHE A 123 10.16 -23.45 8.40
CA PHE A 123 9.46 -23.98 7.26
C PHE A 123 8.70 -22.89 6.43
N LEU A 124 7.81 -22.13 7.02
CA LEU A 124 7.15 -21.15 6.23
C LEU A 124 8.11 -20.10 5.66
N ASP A 125 9.04 -19.68 6.47
CA ASP A 125 9.98 -18.65 6.03
C ASP A 125 10.66 -19.04 4.74
N LEU A 126 10.80 -20.32 4.44
CA LEU A 126 11.48 -20.65 3.19
C LEU A 126 10.57 -21.18 2.08
N CYS A 127 9.47 -21.82 2.51
CA CYS A 127 8.25 -21.85 1.72
C CYS A 127 8.03 -20.53 1.04
N ALA A 128 8.08 -19.46 1.84
CA ALA A 128 8.13 -18.08 1.32
C ALA A 128 9.32 -17.87 0.40
N MET A 129 10.51 -18.33 0.77
CA MET A 129 11.71 -18.03 -0.01
C MET A 129 11.58 -18.71 -1.38
N LEU A 130 11.09 -19.94 -1.33
CA LEU A 130 10.71 -20.65 -2.55
C LEU A 130 9.78 -19.76 -3.38
N VAL A 131 8.63 -19.43 -2.85
CA VAL A 131 7.66 -18.71 -3.64
C VAL A 131 8.25 -17.45 -4.33
N CYS A 132 9.15 -16.75 -3.68
CA CYS A 132 9.68 -15.62 -4.35
C CYS A 132 10.50 -16.03 -5.50
N LYS A 133 11.05 -17.23 -5.46
CA LYS A 133 11.83 -17.67 -6.60
C LYS A 133 10.88 -18.12 -7.66
N LEU A 134 9.90 -18.93 -7.32
CA LEU A 134 8.97 -19.31 -8.36
C LEU A 134 8.34 -18.09 -9.02
N PHE A 135 8.20 -16.96 -8.34
CA PHE A 135 7.58 -15.85 -9.05
C PHE A 135 8.55 -14.82 -9.69
N SER A 136 9.82 -15.17 -9.90
CA SER A 136 10.76 -14.22 -10.55
C SER A 136 11.71 -14.92 -11.53
N GLU B 5 16.80 -38.66 0.93
CA GLU B 5 17.28 -39.92 0.30
C GLU B 5 18.77 -39.84 -0.16
N GLN B 6 19.09 -38.86 -1.02
CA GLN B 6 20.34 -38.72 -1.80
C GLN B 6 20.36 -37.48 -2.76
N TYR B 7 21.11 -36.44 -2.43
CA TYR B 7 20.84 -35.09 -3.00
C TYR B 7 21.78 -34.44 -4.04
N SER B 8 21.22 -33.69 -4.98
CA SER B 8 21.67 -32.28 -5.20
C SER B 8 22.15 -31.58 -6.50
N THR B 9 22.99 -30.57 -6.22
CA THR B 9 23.01 -29.21 -6.80
C THR B 9 22.51 -28.87 -8.21
N GLU B 10 22.92 -29.66 -9.20
CA GLU B 10 22.70 -29.30 -10.58
C GLU B 10 21.28 -29.67 -11.01
N ILE B 11 20.69 -28.86 -11.89
CA ILE B 11 19.43 -29.14 -12.59
C ILE B 11 19.53 -30.29 -13.61
N PRO B 12 18.58 -31.25 -13.64
CA PRO B 12 18.78 -32.40 -14.53
C PRO B 12 19.22 -32.02 -15.96
N ALA B 13 20.01 -32.90 -16.60
CA ALA B 13 20.56 -32.69 -17.94
C ALA B 13 19.47 -32.60 -19.03
N PHE B 14 18.56 -33.57 -19.04
CA PHE B 14 17.39 -33.42 -19.89
C PHE B 14 16.65 -32.36 -19.15
N LEU B 15 15.43 -32.01 -19.57
CA LEU B 15 14.65 -30.89 -18.96
C LEU B 15 15.19 -29.54 -19.40
N THR B 16 16.53 -29.44 -19.38
CA THR B 16 17.32 -28.26 -19.72
C THR B 16 17.64 -28.17 -21.22
N SER B 17 17.79 -29.32 -21.87
CA SER B 17 18.08 -29.41 -23.29
C SER B 17 17.11 -28.45 -23.99
N ASN B 18 15.83 -28.65 -23.66
CA ASN B 18 14.65 -28.16 -24.38
C ASN B 18 13.84 -29.44 -24.63
N THR B 19 12.54 -29.39 -24.35
CA THR B 19 11.81 -30.61 -24.04
C THR B 19 10.30 -30.55 -24.22
N LEU B 20 9.84 -29.83 -25.23
CA LEU B 20 8.47 -29.97 -25.72
C LEU B 20 8.48 -31.32 -26.47
N GLN B 21 9.68 -31.66 -26.95
CA GLN B 21 9.94 -32.76 -27.89
C GLN B 21 9.41 -34.14 -27.56
N GLU B 22 8.09 -34.35 -27.76
CA GLU B 22 7.45 -35.60 -27.40
C GLU B 22 8.09 -36.01 -26.07
N LEU B 23 8.87 -37.10 -26.08
CA LEU B 23 9.47 -37.69 -24.86
C LEU B 23 8.37 -38.31 -24.02
N LYS B 24 7.16 -37.73 -24.21
CA LYS B 24 5.94 -37.86 -23.37
C LYS B 24 6.15 -38.42 -21.98
N LEU B 25 6.91 -37.65 -21.21
CA LEU B 25 7.31 -38.05 -19.88
C LEU B 25 6.09 -38.19 -18.98
N PRO B 26 6.27 -38.80 -17.80
CA PRO B 26 5.15 -39.05 -16.91
C PRO B 26 4.39 -37.78 -16.60
N LYS B 27 3.07 -37.87 -16.53
CA LYS B 27 2.25 -36.79 -16.01
C LYS B 27 2.26 -36.89 -14.47
N PRO B 28 2.02 -35.75 -13.75
CA PRO B 28 2.03 -35.87 -12.27
C PRO B 28 0.75 -36.54 -11.76
N PRO B 29 0.76 -37.06 -10.50
CA PRO B 29 -0.47 -37.63 -9.93
C PRO B 29 -1.63 -36.67 -10.06
N SER B 30 -2.84 -37.15 -9.95
CA SER B 30 -3.96 -36.21 -9.85
C SER B 30 -4.14 -35.74 -8.39
N LEU B 31 -4.86 -34.66 -8.19
CA LEU B 31 -5.04 -34.11 -6.85
C LEU B 31 -5.89 -34.98 -5.88
N PRO B 32 -5.32 -35.45 -4.76
CA PRO B 32 -6.21 -36.23 -3.87
C PRO B 32 -7.17 -35.39 -3.00
N PRO B 33 -8.39 -35.91 -2.78
CA PRO B 33 -9.55 -35.26 -2.15
C PRO B 33 -9.32 -34.57 -0.84
N HIS B 34 -8.38 -35.09 -0.06
CA HIS B 34 -8.11 -34.48 1.22
C HIS B 34 -7.41 -33.15 1.03
N LEU B 35 -6.63 -33.03 -0.04
CA LEU B 35 -5.94 -31.79 -0.38
C LEU B 35 -6.85 -30.77 -1.04
N GLU B 36 -8.14 -30.87 -0.78
CA GLU B 36 -9.10 -30.16 -1.58
C GLU B 36 -9.65 -28.99 -0.79
N LYS B 37 -9.10 -28.78 0.40
CA LYS B 37 -9.77 -27.89 1.33
C LYS B 37 -8.88 -27.62 2.50
N CYS B 38 -8.79 -26.36 2.89
CA CYS B 38 -8.07 -25.96 4.12
C CYS B 38 -9.04 -25.66 5.21
N ILE B 39 -8.70 -26.01 6.44
CA ILE B 39 -9.56 -25.65 7.58
C ILE B 39 -9.63 -24.12 7.81
N LEU B 40 -8.50 -23.47 7.58
CA LEU B 40 -8.50 -22.03 7.48
C LEU B 40 -9.69 -21.56 6.67
N ASN B 41 -10.22 -22.44 5.82
CA ASN B 41 -11.44 -22.11 5.09
C ASN B 41 -12.71 -22.09 5.92
N SER B 42 -12.50 -21.47 7.06
CA SER B 42 -13.49 -20.74 7.78
C SER B 42 -14.05 -21.41 9.00
N ASN B 43 -15.17 -20.81 9.40
CA ASN B 43 -15.39 -20.40 10.76
C ASN B 43 -16.71 -20.88 11.37
N THR B 44 -17.34 -19.95 12.07
CA THR B 44 -18.27 -20.25 13.14
C THR B 44 -18.36 -18.98 14.04
N ALA B 45 -19.54 -18.74 14.64
CA ALA B 45 -19.82 -17.50 15.40
C ALA B 45 -19.31 -17.56 16.84
N TYR B 46 -20.28 -17.75 17.74
CA TYR B 46 -20.10 -17.83 19.21
C TYR B 46 -18.68 -17.52 19.68
N LYS B 47 -18.18 -16.34 19.28
CA LYS B 47 -16.78 -15.93 19.50
C LYS B 47 -15.95 -17.23 19.61
N GLU B 48 -15.42 -17.58 20.79
CA GLU B 48 -14.94 -16.62 21.77
C GLU B 48 -13.62 -16.38 21.08
N ASP B 49 -13.26 -17.42 20.32
CA ASP B 49 -12.27 -17.34 19.30
C ASP B 49 -12.96 -17.39 17.96
N GLN B 50 -12.94 -16.27 17.27
CA GLN B 50 -12.92 -16.39 15.85
C GLN B 50 -11.61 -17.13 15.50
N SER B 51 -10.83 -17.50 16.51
CA SER B 51 -9.56 -18.19 16.29
C SER B 51 -9.65 -19.74 16.24
N VAL B 52 -10.73 -20.32 16.77
CA VAL B 52 -10.88 -21.77 16.71
C VAL B 52 -11.12 -22.23 15.30
N LEU B 53 -10.43 -23.31 14.98
CA LEU B 53 -10.52 -23.99 13.74
C LEU B 53 -10.94 -25.38 14.09
N PRO B 54 -11.61 -26.06 13.15
CA PRO B 54 -11.96 -27.48 13.22
C PRO B 54 -10.75 -28.28 13.57
N ASN B 55 -10.95 -29.51 14.06
CA ASN B 55 -9.83 -30.42 14.33
C ASN B 55 -9.19 -30.78 12.98
N PRO B 56 -7.90 -30.41 12.78
CA PRO B 56 -7.36 -30.65 11.44
C PRO B 56 -7.24 -32.15 11.21
N ASN B 57 -6.84 -32.56 10.03
CA ASN B 57 -6.46 -33.95 10.00
C ASN B 57 -5.03 -34.36 9.81
N HIS B 58 -4.57 -35.03 10.88
CA HIS B 58 -3.53 -36.04 10.79
CA HIS B 58 -3.40 -35.84 10.86
C HIS B 58 -2.65 -35.86 9.52
N VAL B 59 -3.22 -36.38 8.42
CA VAL B 59 -2.54 -36.53 7.07
C VAL B 59 -2.12 -35.20 6.36
N LEU B 60 -2.92 -34.17 6.55
CA LEU B 60 -2.66 -32.84 6.00
C LEU B 60 -1.98 -31.98 7.04
N LEU B 61 -1.46 -32.59 8.11
CA LEU B 61 -0.64 -31.82 9.03
C LEU B 61 0.32 -30.95 8.25
N ASN B 62 1.64 -31.16 8.27
CA ASN B 62 2.50 -30.02 7.94
C ASN B 62 2.72 -29.53 6.46
N HIS B 63 1.66 -29.16 5.76
CA HIS B 63 1.78 -28.65 4.40
C HIS B 63 1.65 -27.16 4.26
N LEU B 64 1.95 -26.67 3.08
CA LEU B 64 2.00 -25.28 2.89
C LEU B 64 0.63 -25.02 2.31
N ALA B 65 0.02 -23.92 2.75
CA ALA B 65 -1.23 -23.35 2.22
C ALA B 65 -1.07 -21.84 1.99
N ALA B 66 -1.70 -21.31 0.94
CA ALA B 66 -1.50 -19.95 0.48
C ALA B 66 -2.80 -19.28 0.14
N ALA B 67 -2.83 -17.96 0.12
CA ALA B 67 -4.02 -17.13 -0.22
C ALA B 67 -3.49 -15.83 -0.72
N ASN B 68 -4.18 -15.25 -1.70
CA ASN B 68 -3.75 -13.98 -2.35
C ASN B 68 -4.42 -12.89 -1.62
N THR B 69 -3.83 -11.70 -1.64
CA THR B 69 -4.22 -10.75 -0.60
C THR B 69 -4.51 -9.31 -0.99
N GLN B 70 -4.37 -8.99 -2.26
CA GLN B 70 -4.77 -7.63 -2.62
C GLN B 70 -3.84 -6.64 -1.89
N LEU B 71 -2.83 -7.12 -1.17
CA LEU B 71 -2.02 -6.16 -0.44
C LEU B 71 -0.54 -6.25 -0.71
N GLY B 72 -0.15 -6.84 -1.83
CA GLY B 72 1.28 -6.92 -2.11
C GLY B 72 2.06 -7.72 -1.07
N VAL B 73 1.38 -8.58 -0.34
CA VAL B 73 2.07 -9.52 0.55
C VAL B 73 1.72 -11.01 0.37
N LEU B 74 2.50 -11.85 1.02
CA LEU B 74 2.29 -13.27 0.87
C LEU B 74 1.45 -13.77 2.04
N ALA B 75 0.56 -14.71 1.76
CA ALA B 75 -0.17 -15.30 2.82
C ALA B 75 0.20 -16.76 2.88
N LEU B 76 1.08 -17.12 3.80
CA LEU B 76 1.48 -18.52 3.93
C LEU B 76 0.97 -19.02 5.24
N SER B 77 0.81 -20.34 5.34
CA SER B 77 0.38 -20.96 6.57
C SER B 77 0.60 -22.45 6.59
N ALA B 78 0.66 -23.03 7.79
CA ALA B 78 0.67 -24.47 7.96
C ALA B 78 0.12 -24.83 9.35
N THR B 79 -0.33 -26.08 9.50
CA THR B 79 -0.89 -26.53 10.74
C THR B 79 0.09 -27.44 11.43
N THR B 80 0.29 -27.28 12.74
CA THR B 80 1.12 -28.26 13.44
C THR B 80 0.52 -28.61 14.75
N ARG B 81 1.00 -29.71 15.35
CA ARG B 81 0.61 -30.08 16.70
C ARG B 81 1.52 -29.37 17.62
N TYR B 82 1.01 -29.10 18.80
CA TYR B 82 1.84 -28.61 19.85
C TYR B 82 1.33 -29.37 21.01
N HIS B 83 2.20 -30.20 21.56
CA HIS B 83 1.81 -31.18 22.52
C HIS B 83 0.56 -31.72 21.95
N ARG B 84 -0.55 -31.68 22.67
CA ARG B 84 -1.68 -32.36 22.07
C ARG B 84 -2.76 -31.47 21.55
N LYS B 85 -2.49 -30.31 20.99
CA LYS B 85 -3.32 -29.28 20.38
C LYS B 85 -2.70 -28.77 19.09
N TYR B 86 -3.39 -28.21 18.27
CA TYR B 86 -2.96 -27.96 16.91
C TYR B 86 -2.89 -26.47 16.61
N VAL B 87 -1.72 -25.95 16.27
CA VAL B 87 -1.62 -24.52 15.96
C VAL B 87 -1.54 -24.36 14.45
N THR B 88 -2.48 -23.62 13.87
CA THR B 88 -2.38 -23.20 12.48
C THR B 88 -1.88 -21.75 12.44
N THR B 89 -0.58 -21.57 12.31
CA THR B 89 0.03 -20.30 12.13
C THR B 89 -0.15 -19.87 10.70
N ALA B 90 -0.47 -18.58 10.52
CA ALA B 90 -0.73 -18.02 9.17
C ALA B 90 0.01 -16.76 9.04
N MET B 91 0.85 -16.69 8.02
CA MET B 91 1.80 -15.58 7.99
C MET B 91 1.62 -14.68 6.83
N PHE B 92 1.60 -13.40 7.16
CA PHE B 92 1.54 -12.36 6.22
C PHE B 92 2.92 -11.75 6.00
N LYS B 93 3.74 -12.41 5.19
CA LYS B 93 5.12 -11.97 4.93
C LYS B 93 5.14 -10.99 3.75
N ASN B 94 6.30 -10.37 3.47
CA ASN B 94 6.51 -9.44 2.33
C ASN B 94 7.16 -10.18 1.19
N PHE B 95 7.19 -9.55 0.02
CA PHE B 95 8.01 -10.10 -1.07
C PHE B 95 9.53 -9.73 -0.96
N ASP B 96 10.21 -9.71 -2.12
CA ASP B 96 11.64 -9.39 -2.29
C ASP B 96 12.03 -8.06 -3.08
N MET C 1 -21.44 -19.81 55.63
CA MET C 1 -20.43 -19.27 56.60
C MET C 1 -20.57 -17.76 56.72
N ASP C 2 -20.54 -17.09 55.57
CA ASP C 2 -20.44 -15.63 55.45
C ASP C 2 -20.27 -15.24 53.97
N VAL C 3 -21.07 -14.28 53.51
CA VAL C 3 -21.01 -13.80 52.10
C VAL C 3 -19.58 -13.34 51.77
N GLN C 4 -19.03 -12.56 52.70
CA GLN C 4 -17.61 -12.17 52.79
C GLN C 4 -16.64 -13.32 52.83
N GLU C 5 -16.92 -14.35 53.63
CA GLU C 5 -15.96 -15.44 53.83
C GLU C 5 -15.93 -16.45 52.69
N THR C 6 -17.08 -16.62 52.05
CA THR C 6 -17.17 -17.47 50.90
C THR C 6 -16.55 -16.86 49.63
N GLN C 7 -16.41 -15.55 49.54
CA GLN C 7 -15.60 -14.98 48.48
C GLN C 7 -14.17 -15.37 48.79
N LYS C 8 -13.79 -15.24 50.05
CA LYS C 8 -12.41 -15.48 50.46
C LYS C 8 -11.91 -16.86 49.96
N GLY C 9 -12.69 -17.88 50.28
CA GLY C 9 -12.33 -19.22 49.92
C GLY C 9 -12.49 -19.44 48.44
N ALA C 10 -13.46 -18.75 47.86
CA ALA C 10 -13.62 -18.78 46.41
C ALA C 10 -12.35 -18.26 45.75
N LEU C 11 -11.96 -17.06 46.14
CA LEU C 11 -10.77 -16.50 45.56
C LEU C 11 -9.63 -17.48 45.76
N LYS C 12 -9.42 -17.93 47.01
CA LYS C 12 -8.38 -18.93 47.33
C LYS C 12 -8.39 -20.12 46.35
N GLU C 13 -9.55 -20.69 46.02
CA GLU C 13 -9.56 -21.68 44.92
C GLU C 13 -9.30 -21.10 43.51
N ILE C 14 -9.90 -19.95 43.16
CA ILE C 14 -9.70 -19.35 41.82
C ILE C 14 -8.18 -19.19 41.61
N GLN C 15 -7.55 -18.59 42.62
CA GLN C 15 -6.08 -18.49 42.64
C GLN C 15 -5.46 -19.86 42.55
N ALA C 16 -5.95 -20.82 43.34
CA ALA C 16 -5.26 -22.08 43.37
C ALA C 16 -5.44 -22.70 42.03
N PHE C 17 -6.65 -22.53 41.47
CA PHE C 17 -6.97 -23.10 40.17
C PHE C 17 -6.03 -22.55 39.06
N ILE C 18 -5.97 -21.23 38.93
CA ILE C 18 -5.10 -20.64 37.98
C ILE C 18 -3.72 -21.31 38.00
N ARG C 19 -3.05 -21.35 39.14
CA ARG C 19 -1.66 -21.87 39.21
C ARG C 19 -1.54 -23.29 38.65
N SER C 20 -2.57 -24.10 38.84
CA SER C 20 -2.45 -25.47 38.47
C SER C 20 -2.66 -25.66 37.00
N ARG C 21 -3.08 -24.62 36.30
CA ARG C 21 -3.15 -24.69 34.86
C ARG C 21 -1.99 -24.03 34.22
N THR C 22 -1.61 -24.58 33.07
CA THR C 22 -0.59 -23.98 32.20
C THR C 22 -1.25 -22.95 31.35
N SER C 23 -0.50 -21.96 30.90
CA SER C 23 -1.03 -21.09 29.86
C SER C 23 -1.57 -22.06 28.83
N TYR C 24 -0.75 -23.00 28.35
CA TYR C 24 -1.16 -23.93 27.25
C TYR C 24 -2.59 -24.37 27.35
N ASP C 25 -3.09 -24.47 28.58
CA ASP C 25 -4.39 -25.05 28.86
C ASP C 25 -5.56 -24.23 28.37
N VAL C 26 -5.35 -22.95 28.27
CA VAL C 26 -6.42 -22.06 27.97
C VAL C 26 -6.64 -22.18 26.46
N LEU C 27 -5.59 -22.51 25.73
CA LEU C 27 -5.74 -22.58 24.27
C LEU C 27 -6.84 -23.57 23.87
N PRO C 28 -7.56 -23.29 22.78
CA PRO C 28 -8.51 -24.22 22.22
C PRO C 28 -7.80 -25.40 21.55
N THR C 29 -8.54 -26.49 21.29
CA THR C 29 -7.88 -27.73 20.95
C THR C 29 -7.27 -27.52 19.57
N SER C 30 -7.77 -26.52 18.85
CA SER C 30 -7.28 -26.26 17.51
C SER C 30 -7.71 -24.87 17.16
N PHE C 31 -6.72 -23.98 17.06
CA PHE C 31 -6.92 -22.58 16.77
C PHE C 31 -6.12 -22.12 15.60
N ARG C 32 -6.10 -20.82 15.37
CA ARG C 32 -5.46 -20.19 14.21
C ARG C 32 -4.60 -19.06 14.74
N LEU C 33 -3.37 -18.89 14.26
CA LEU C 33 -2.59 -17.76 14.66
C LEU C 33 -2.13 -16.99 13.44
N ILE C 34 -2.32 -15.69 13.50
CA ILE C 34 -1.93 -14.81 12.42
C ILE C 34 -0.75 -14.15 12.99
N VAL C 35 0.27 -14.01 12.18
CA VAL C 35 1.55 -13.55 12.59
C VAL C 35 1.98 -12.67 11.45
N PHE C 36 2.56 -11.49 11.77
CA PHE C 36 3.06 -10.51 10.75
C PHE C 36 4.64 -10.38 10.64
N ASP C 37 5.16 -10.36 9.42
CA ASP C 37 6.54 -10.06 9.20
C ASP C 37 6.79 -8.66 9.64
N VAL C 38 7.74 -8.52 10.57
CA VAL C 38 8.09 -7.25 11.12
C VAL C 38 8.43 -6.33 10.02
N THR C 39 8.60 -6.83 8.80
CA THR C 39 9.05 -5.84 7.81
C THR C 39 7.87 -5.16 7.15
N LEU C 40 6.68 -5.72 7.32
CA LEU C 40 5.48 -5.17 6.75
C LEU C 40 5.35 -3.70 6.95
N PHE C 41 4.70 -3.10 5.97
CA PHE C 41 4.45 -1.70 5.99
C PHE C 41 3.34 -1.41 7.02
N VAL C 42 3.32 -0.22 7.61
CA VAL C 42 2.30 0.08 8.62
C VAL C 42 0.89 -0.03 8.05
N LYS C 43 0.71 0.66 6.93
CA LYS C 43 -0.52 0.66 6.19
C LYS C 43 -0.98 -0.80 6.00
N THR C 44 -0.16 -1.58 5.30
CA THR C 44 -0.55 -2.92 4.97
C THR C 44 -0.94 -3.60 6.25
N SER C 45 -0.15 -3.34 7.29
CA SER C 45 -0.36 -4.10 8.49
C SER C 45 -1.74 -3.77 9.02
N LEU C 46 -2.06 -2.47 9.00
CA LEU C 46 -3.34 -2.02 9.46
C LEU C 46 -4.45 -2.67 8.65
N SER C 47 -4.42 -2.64 7.32
CA SER C 47 -5.46 -3.35 6.58
C SER C 47 -5.66 -4.78 7.08
N LEU C 48 -4.53 -5.46 7.27
CA LEU C 48 -4.53 -6.85 7.71
C LEU C 48 -5.36 -7.10 8.95
N LEU C 49 -5.26 -6.18 9.90
CA LEU C 49 -5.99 -6.34 11.13
C LEU C 49 -7.46 -6.23 10.80
N THR C 50 -7.76 -5.36 9.88
CA THR C 50 -9.15 -5.13 9.66
C THR C 50 -9.82 -6.35 9.03
N LEU C 51 -9.34 -6.78 7.84
CA LEU C 51 -10.16 -7.75 7.15
C LEU C 51 -10.03 -9.14 7.72
N ASN C 52 -9.12 -9.25 8.68
CA ASN C 52 -8.94 -10.48 9.48
C ASN C 52 -9.63 -10.40 10.84
N ASN C 53 -10.17 -9.21 11.07
CA ASN C 53 -11.02 -8.90 12.24
C ASN C 53 -10.29 -9.10 13.55
N ILE C 54 -9.03 -8.72 13.60
CA ILE C 54 -8.26 -8.87 14.80
C ILE C 54 -7.72 -7.50 15.18
N VAL C 55 -7.29 -7.39 16.45
CA VAL C 55 -6.70 -6.16 16.95
C VAL C 55 -5.20 -6.22 17.14
N SER C 56 -4.63 -7.41 16.95
CA SER C 56 -3.24 -7.71 17.29
C SER C 56 -2.63 -8.81 16.51
N ALA C 57 -1.37 -8.64 16.23
CA ALA C 57 -0.61 -9.69 15.60
C ALA C 57 0.76 -9.67 16.23
N PRO C 58 1.29 -10.86 16.54
CA PRO C 58 2.70 -11.01 16.85
C PRO C 58 3.61 -10.74 15.63
N LEU C 59 4.57 -9.88 15.82
CA LEU C 59 5.57 -9.79 14.78
C LEU C 59 6.55 -10.97 14.76
N TRP C 60 6.93 -11.38 13.56
CA TRP C 60 7.94 -12.38 13.38
C TRP C 60 9.15 -11.83 12.61
N ASP C 61 10.34 -12.01 13.16
CA ASP C 61 11.58 -11.76 12.43
C ASP C 61 12.60 -12.86 12.67
N SER C 62 13.31 -13.23 11.62
CA SER C 62 13.03 -14.46 10.90
C SER C 62 14.29 -15.00 10.19
N GLU C 63 14.90 -14.14 9.37
CA GLU C 63 16.15 -13.50 9.73
C GLU C 63 16.67 -14.01 11.07
N ALA C 64 15.79 -14.03 12.06
CA ALA C 64 16.15 -14.52 13.39
C ALA C 64 15.40 -15.78 13.64
N ASN C 65 14.33 -15.97 12.90
CA ASN C 65 13.33 -16.87 13.36
C ASN C 65 13.22 -16.61 14.83
N LYS C 66 13.20 -15.33 15.16
CA LYS C 66 12.91 -14.85 16.49
C LYS C 66 11.69 -13.98 16.50
N PHE C 67 11.13 -13.79 17.67
CA PHE C 67 9.87 -13.09 17.86
C PHE C 67 10.17 -11.60 17.91
N ALA C 68 9.42 -10.79 17.20
CA ALA C 68 9.80 -9.40 17.09
C ALA C 68 8.85 -8.50 17.84
N GLY C 69 8.13 -9.05 18.80
CA GLY C 69 7.28 -8.17 19.58
C GLY C 69 5.85 -8.25 19.11
N LEU C 70 5.00 -7.52 19.83
CA LEU C 70 3.57 -7.74 19.73
C LEU C 70 2.88 -6.51 19.21
N LEU C 71 2.42 -6.54 17.96
CA LEU C 71 1.77 -5.38 17.40
C LEU C 71 0.32 -5.27 17.93
N THR C 72 0.05 -4.12 18.56
CA THR C 72 -1.22 -3.86 19.20
C THR C 72 -1.72 -2.39 19.06
N MET C 73 -3.02 -2.10 19.27
CA MET C 73 -3.54 -0.77 18.95
C MET C 73 -2.82 0.27 19.76
N ALA C 74 -2.10 -0.17 20.80
CA ALA C 74 -1.35 0.78 21.65
C ALA C 74 -0.17 1.33 20.87
N ASP C 75 0.42 0.46 20.06
CA ASP C 75 1.37 0.90 19.09
C ASP C 75 0.94 2.20 18.42
N PHE C 76 -0.27 2.35 17.90
CA PHE C 76 -0.62 3.62 17.18
C PHE C 76 -1.01 4.76 18.15
N VAL C 77 -1.72 4.37 19.23
CA VAL C 77 -2.04 5.31 20.30
C VAL C 77 -0.76 6.04 20.81
N ASN C 78 0.30 5.29 21.14
CA ASN C 78 1.49 5.94 21.66
C ASN C 78 2.14 6.89 20.64
N VAL C 79 2.54 6.39 19.47
CA VAL C 79 2.97 7.30 18.43
C VAL C 79 1.97 8.44 18.13
N ILE C 80 0.69 8.21 18.05
CA ILE C 80 -0.12 9.35 17.67
C ILE C 80 0.02 10.46 18.74
N LYS C 81 -0.04 10.07 20.00
CA LYS C 81 0.02 10.98 21.12
C LYS C 81 1.37 11.66 21.12
N TYR C 82 2.39 10.89 20.83
CA TYR C 82 3.65 11.51 20.79
C TYR C 82 3.65 12.60 19.75
N TYR C 83 3.15 12.31 18.54
CA TYR C 83 3.18 13.31 17.51
C TYR C 83 2.33 14.53 17.80
N TYR C 84 1.17 14.35 18.43
CA TYR C 84 0.44 15.47 18.99
C TYR C 84 1.24 15.85 20.18
N GLN C 85 1.16 17.08 20.61
CA GLN C 85 1.86 17.35 21.88
C GLN C 85 3.40 17.23 21.78
N SER C 86 3.91 17.50 20.60
CA SER C 86 5.34 17.57 20.32
C SER C 86 5.39 17.77 18.78
N SER C 87 6.35 18.47 18.20
CA SER C 87 6.33 18.69 16.67
C SER C 87 6.05 20.13 16.26
N SER C 88 4.75 20.41 16.13
CA SER C 88 4.15 21.65 15.66
C SER C 88 3.45 21.44 14.32
N PHE C 89 3.69 20.33 13.67
CA PHE C 89 3.10 20.19 12.40
C PHE C 89 2.12 19.06 12.44
N PRO C 90 0.82 19.38 12.35
CA PRO C 90 -0.32 18.46 12.47
C PRO C 90 -0.42 17.35 11.47
N GLU C 91 0.33 17.44 10.38
CA GLU C 91 0.27 16.41 9.35
C GLU C 91 1.56 15.58 9.43
N ALA C 92 2.45 15.95 10.35
CA ALA C 92 3.66 15.16 10.60
C ALA C 92 3.19 13.72 10.78
N ILE C 93 2.05 13.57 11.44
CA ILE C 93 1.51 12.26 11.80
C ILE C 93 1.42 11.31 10.60
N ALA C 94 1.02 11.84 9.45
CA ALA C 94 0.83 11.02 8.25
C ALA C 94 2.07 10.24 7.79
N GLU C 95 3.26 10.68 8.18
CA GLU C 95 4.48 9.90 7.94
C GLU C 95 4.41 8.51 8.53
N ILE C 96 3.63 8.34 9.57
CA ILE C 96 3.48 7.02 10.05
C ILE C 96 3.24 6.03 8.92
N ASP C 97 2.84 6.49 7.75
CA ASP C 97 2.55 5.53 6.68
C ASP C 97 3.77 5.07 5.87
N LYS C 98 4.85 5.87 5.87
CA LYS C 98 6.09 5.39 5.26
C LYS C 98 6.58 4.14 6.04
N PHE C 99 6.35 4.17 7.35
CA PHE C 99 6.99 3.26 8.31
C PHE C 99 6.75 1.77 8.08
N ARG C 100 7.73 0.98 8.47
CA ARG C 100 7.49 -0.45 8.54
C ARG C 100 7.44 -0.80 10.01
N LEU C 101 6.82 -1.92 10.34
CA LEU C 101 6.61 -2.27 11.73
C LEU C 101 7.87 -2.06 12.56
N LEU C 102 8.96 -2.63 12.10
CA LEU C 102 10.30 -2.28 12.55
C LEU C 102 10.42 -0.84 12.90
N GLY C 103 10.39 -0.01 11.86
CA GLY C 103 10.68 1.42 11.99
C GLY C 103 9.82 2.07 13.03
N LEU C 104 8.55 1.72 12.94
CA LEU C 104 7.59 2.16 13.89
C LEU C 104 7.98 1.85 15.32
N ARG C 105 8.25 0.55 15.59
CA ARG C 105 8.61 0.08 16.94
C ARG C 105 9.88 0.75 17.33
N GLU C 106 10.71 0.91 16.34
CA GLU C 106 11.92 1.62 16.48
C GLU C 106 11.61 3.02 17.06
N VAL C 107 10.65 3.73 16.49
CA VAL C 107 10.44 5.08 16.96
C VAL C 107 9.87 5.04 18.34
N GLU C 108 8.88 4.16 18.53
CA GLU C 108 8.27 3.90 19.83
C GLU C 108 9.36 3.56 20.84
N ARG C 109 10.18 2.60 20.46
CA ARG C 109 11.38 2.27 21.20
C ARG C 109 12.38 3.43 21.34
N LYS C 110 12.08 4.65 21.02
CA LYS C 110 13.08 5.67 21.22
C LYS C 110 12.39 6.91 21.79
N ILE C 111 11.21 6.66 22.36
CA ILE C 111 10.47 7.69 23.04
C ILE C 111 9.98 7.16 24.41
N GLY C 112 10.24 5.89 24.69
CA GLY C 112 9.81 5.25 25.92
C GLY C 112 8.68 4.27 25.73
N ALA C 113 8.13 4.21 24.52
CA ALA C 113 6.86 3.56 24.31
C ALA C 113 6.91 2.04 24.35
N ILE C 114 8.11 1.52 24.49
CA ILE C 114 8.20 0.11 24.55
C ILE C 114 9.37 -0.26 25.47
N PRO C 115 9.12 -1.16 26.47
CA PRO C 115 10.18 -1.59 27.36
C PRO C 115 11.27 -2.26 26.51
N PRO C 116 12.54 -2.20 26.99
CA PRO C 116 13.73 -2.71 26.29
C PRO C 116 13.54 -3.99 25.40
N GLU C 117 12.99 -5.06 25.99
CA GLU C 117 12.60 -6.31 25.27
C GLU C 117 11.13 -6.67 25.60
N THR C 118 10.38 -7.27 24.66
CA THR C 118 8.93 -7.48 24.94
C THR C 118 8.81 -8.62 25.97
N ILE C 119 7.58 -9.00 26.34
CA ILE C 119 7.31 -9.75 27.56
C ILE C 119 6.96 -11.21 27.30
N TYR C 120 6.98 -11.96 28.41
CA TYR C 120 7.45 -13.35 28.51
C TYR C 120 6.75 -14.56 27.87
N VAL C 121 5.92 -15.19 28.68
CA VAL C 121 5.89 -16.64 28.97
C VAL C 121 5.90 -17.83 27.99
N HIS C 122 6.39 -18.96 28.55
CA HIS C 122 6.37 -20.27 27.96
C HIS C 122 4.96 -20.89 28.13
N PRO C 123 4.42 -21.48 27.06
CA PRO C 123 3.06 -22.07 27.19
C PRO C 123 2.85 -23.12 28.28
N MET C 124 3.83 -23.99 28.56
CA MET C 124 3.61 -25.10 29.55
C MET C 124 3.84 -24.56 30.96
N HIS C 125 4.43 -23.38 31.05
CA HIS C 125 4.51 -22.76 32.36
C HIS C 125 3.14 -22.29 32.81
N SER C 126 2.96 -22.42 34.12
CA SER C 126 1.79 -21.94 34.86
C SER C 126 1.14 -20.71 34.24
N LEU C 127 -0.16 -20.89 34.06
CA LEU C 127 -1.07 -19.79 33.86
C LEU C 127 -0.76 -18.56 34.79
N MET C 128 -0.32 -18.79 36.03
CA MET C 128 0.01 -17.69 36.91
C MET C 128 1.08 -16.82 36.33
N ASP C 129 2.08 -17.43 35.71
CA ASP C 129 3.18 -16.67 35.08
C ASP C 129 2.60 -15.63 34.10
N ALA C 130 1.58 -16.09 33.39
CA ALA C 130 0.90 -15.28 32.42
C ALA C 130 0.27 -14.12 33.13
N CYS C 131 -0.50 -14.37 34.20
CA CYS C 131 -1.23 -13.30 34.86
C CYS C 131 -0.21 -12.34 35.42
N LEU C 132 0.78 -12.89 36.11
CA LEU C 132 1.79 -12.07 36.79
C LEU C 132 2.55 -11.24 35.78
N ALA C 133 2.88 -11.87 34.65
CA ALA C 133 3.49 -11.17 33.54
C ALA C 133 2.63 -10.02 33.02
N MET C 134 1.34 -10.27 32.78
CA MET C 134 0.48 -9.16 32.49
C MET C 134 0.48 -8.30 33.73
N SER C 135 0.11 -8.84 34.87
CA SER C 135 -0.18 -7.98 36.02
C SER C 135 0.89 -6.95 36.23
N LYS C 136 2.15 -7.35 36.08
CA LYS C 136 3.24 -6.45 36.40
C LYS C 136 3.50 -5.43 35.31
N SER C 137 2.50 -5.13 34.49
CA SER C 137 2.62 -4.06 33.45
C SER C 137 1.34 -4.24 32.67
N ARG C 138 0.54 -3.24 32.33
CA ARG C 138 -0.75 -3.64 31.66
C ARG C 138 -0.60 -4.75 30.60
N ALA C 139 0.16 -4.49 29.56
CA ALA C 139 0.48 -5.55 28.61
C ALA C 139 -0.76 -6.38 28.21
N ARG C 140 -1.87 -6.22 28.93
CA ARG C 140 -3.21 -6.67 28.50
C ARG C 140 -3.38 -7.98 27.74
N ARG C 141 -2.35 -8.44 27.05
CA ARG C 141 -2.36 -9.71 26.35
C ARG C 141 -0.90 -10.11 26.18
N ILE C 142 -0.64 -11.39 26.18
CA ILE C 142 0.75 -11.82 26.15
C ILE C 142 1.02 -13.02 25.20
N PRO C 143 2.08 -12.95 24.42
CA PRO C 143 2.49 -14.08 23.58
C PRO C 143 2.90 -15.29 24.41
N LEU C 144 2.67 -16.47 23.88
CA LEU C 144 3.22 -17.67 24.47
C LEU C 144 4.21 -18.22 23.49
N ILE C 145 5.48 -18.17 23.85
CA ILE C 145 6.61 -18.56 22.99
C ILE C 145 7.27 -19.76 23.64
N ASP C 146 7.76 -20.70 22.81
CA ASP C 146 8.53 -21.86 23.24
C ASP C 146 9.73 -21.68 22.34
N VAL C 147 10.69 -22.61 22.35
CA VAL C 147 11.89 -22.61 21.43
C VAL C 147 12.08 -23.99 20.77
N ASP C 148 12.28 -24.05 19.43
CA ASP C 148 12.41 -25.38 18.75
C ASP C 148 13.78 -26.02 18.95
N GLY C 149 14.12 -26.38 20.19
CA GLY C 149 15.44 -26.92 20.57
C GLY C 149 16.37 -27.34 19.43
N GLU C 150 15.88 -28.23 18.56
CA GLU C 150 16.61 -28.63 17.33
C GLU C 150 17.10 -27.52 16.42
N THR C 151 16.57 -26.31 16.56
CA THR C 151 16.85 -25.20 15.65
C THR C 151 17.18 -23.92 16.36
N GLY C 152 16.98 -23.90 17.67
CA GLY C 152 17.08 -22.64 18.45
C GLY C 152 16.09 -21.55 18.03
N SER C 153 15.20 -21.86 17.08
CA SER C 153 14.20 -20.91 16.67
C SER C 153 12.93 -20.88 17.58
N GLU C 154 12.52 -19.67 17.96
CA GLU C 154 11.32 -19.45 18.78
C GLU C 154 10.09 -19.91 18.01
N MET C 155 9.13 -20.50 18.72
CA MET C 155 7.88 -20.88 18.08
C MET C 155 6.68 -20.17 18.77
N ILE C 156 6.27 -19.02 18.25
CA ILE C 156 5.10 -18.35 18.79
C ILE C 156 3.94 -19.35 18.77
N VAL C 157 3.33 -19.57 19.90
CA VAL C 157 2.34 -20.62 19.95
C VAL C 157 0.93 -20.01 20.03
N SER C 158 0.82 -18.84 20.69
CA SER C 158 -0.47 -18.09 20.72
C SER C 158 -0.34 -16.74 21.46
N VAL C 159 -1.47 -16.06 21.68
CA VAL C 159 -1.42 -14.86 22.53
C VAL C 159 -2.53 -14.89 23.58
N LEU C 160 -2.16 -14.73 24.83
CA LEU C 160 -3.19 -14.91 25.79
C LEU C 160 -3.68 -13.54 26.22
N THR C 161 -5.00 -13.44 26.25
CA THR C 161 -5.73 -12.23 26.44
C THR C 161 -6.43 -12.32 27.81
N GLN C 162 -6.36 -11.24 28.58
CA GLN C 162 -6.99 -11.18 29.91
C GLN C 162 -8.39 -11.78 29.92
N TYR C 163 -9.14 -11.34 28.91
CA TYR C 163 -10.46 -11.84 28.64
CA TYR C 163 -10.46 -11.83 28.65
C TYR C 163 -10.47 -13.34 28.40
N ARG C 164 -9.61 -13.85 27.54
CA ARG C 164 -9.71 -15.31 27.42
C ARG C 164 -9.26 -16.08 28.70
N ILE C 165 -8.26 -15.53 29.43
CA ILE C 165 -7.91 -16.05 30.73
C ILE C 165 -9.14 -16.00 31.63
N LEU C 166 -9.77 -14.86 31.84
CA LEU C 166 -10.97 -14.83 32.63
C LEU C 166 -12.10 -15.73 32.10
N LYS C 167 -12.44 -15.67 30.80
CA LYS C 167 -13.53 -16.50 30.36
C LYS C 167 -13.16 -17.96 30.63
N PHE C 168 -11.92 -18.32 30.34
CA PHE C 168 -11.46 -19.63 30.80
C PHE C 168 -11.25 -19.42 32.25
N ILE C 169 -12.26 -19.67 33.06
CA ILE C 169 -12.14 -19.56 34.50
C ILE C 169 -13.58 -19.45 34.81
N SER C 170 -14.23 -18.51 34.14
CA SER C 170 -15.63 -18.35 34.36
C SER C 170 -16.19 -19.71 34.01
N MET C 171 -15.49 -20.39 33.08
CA MET C 171 -15.88 -21.71 32.59
C MET C 171 -15.35 -22.85 33.45
N ASN C 172 -14.17 -22.77 34.03
CA ASN C 172 -13.76 -23.95 34.76
C ASN C 172 -13.83 -23.84 36.28
N CYS C 173 -14.62 -22.91 36.77
CA CYS C 173 -14.60 -22.68 38.19
C CYS C 173 -15.96 -22.50 38.78
N LYS C 174 -16.52 -23.60 39.28
CA LYS C 174 -17.69 -23.49 40.09
C LYS C 174 -17.49 -22.31 41.01
N GLU C 175 -16.30 -22.15 41.53
CA GLU C 175 -16.13 -21.16 42.52
C GLU C 175 -16.59 -19.74 42.14
N THR C 176 -16.68 -19.41 40.85
CA THR C 176 -17.10 -18.06 40.47
C THR C 176 -18.50 -17.72 40.94
N ALA C 177 -19.27 -18.74 41.34
CA ALA C 177 -20.67 -18.49 41.66
C ALA C 177 -20.82 -18.21 43.16
N MET C 178 -19.70 -18.27 43.85
CA MET C 178 -19.69 -18.00 45.26
C MET C 178 -18.94 -16.70 45.54
N LEU C 179 -18.75 -15.86 44.51
CA LEU C 179 -18.14 -14.52 44.67
C LEU C 179 -19.24 -13.45 44.64
N ARG C 180 -19.88 -13.23 45.80
CA ARG C 180 -21.13 -12.47 45.87
C ARG C 180 -21.08 -11.28 46.80
N VAL C 181 -19.88 -10.78 47.06
CA VAL C 181 -19.71 -9.61 47.88
C VAL C 181 -19.91 -8.43 46.95
N PRO C 182 -20.85 -7.51 47.28
CA PRO C 182 -21.02 -6.27 46.52
C PRO C 182 -19.70 -5.54 46.30
N LEU C 183 -19.60 -4.71 45.26
CA LEU C 183 -18.36 -4.02 44.97
C LEU C 183 -18.09 -2.92 46.00
N ASN C 184 -19.10 -2.10 46.28
CA ASN C 184 -18.97 -0.97 47.24
C ASN C 184 -18.28 -1.42 48.51
N GLN C 185 -18.25 -2.74 48.67
CA GLN C 185 -17.65 -3.34 49.82
C GLN C 185 -16.18 -3.79 49.60
N MET C 186 -15.79 -4.05 48.34
CA MET C 186 -14.41 -4.43 47.98
C MET C 186 -13.54 -3.21 47.50
N THR C 187 -12.22 -3.31 47.60
CA THR C 187 -11.35 -2.34 46.95
C THR C 187 -11.02 -2.92 45.56
N ILE C 188 -11.85 -2.61 44.53
CA ILE C 188 -11.60 -2.94 43.05
C ILE C 188 -12.00 -1.76 42.22
N GLY C 189 -11.55 -1.70 40.97
CA GLY C 189 -11.97 -0.66 40.02
C GLY C 189 -11.60 0.74 40.42
N THR C 190 -11.59 1.68 39.49
CA THR C 190 -11.29 3.07 39.83
C THR C 190 -12.61 3.82 39.95
N TRP C 191 -12.71 4.74 40.92
CA TRP C 191 -14.00 5.40 41.20
C TRP C 191 -13.89 6.87 41.47
N SER C 192 -12.69 7.41 41.31
CA SER C 192 -12.52 8.86 41.37
C SER C 192 -11.45 9.22 40.42
N ASN C 193 -11.38 10.49 40.08
CA ASN C 193 -10.48 10.83 39.02
C ASN C 193 -10.76 10.12 37.71
N LEU C 194 -12.03 9.87 37.39
CA LEU C 194 -12.35 9.23 36.12
C LEU C 194 -12.02 10.06 34.86
N ALA C 195 -11.33 9.49 33.87
CA ALA C 195 -11.06 10.23 32.64
C ALA C 195 -12.22 10.02 31.70
N THR C 196 -12.88 11.09 31.27
CA THR C 196 -14.01 10.89 30.42
C THR C 196 -14.01 11.95 29.35
N ALA C 197 -14.89 11.77 28.35
CA ALA C 197 -15.05 12.73 27.25
C ALA C 197 -16.50 12.86 26.87
N SER C 198 -16.76 13.83 26.00
CA SER C 198 -18.08 14.09 25.51
C SER C 198 -17.93 13.92 24.04
N MET C 199 -19.04 13.60 23.38
CA MET C 199 -19.13 13.62 21.91
C MET C 199 -18.36 14.82 21.24
N GLU C 200 -18.15 15.92 21.97
CA GLU C 200 -17.39 16.99 21.38
C GLU C 200 -15.83 17.03 21.63
N THR C 201 -15.30 16.07 22.40
CA THR C 201 -13.88 16.00 22.63
C THR C 201 -13.16 15.59 21.37
N LYS C 202 -11.98 16.10 21.08
CA LYS C 202 -11.35 15.70 19.86
C LYS C 202 -10.86 14.33 20.08
N VAL C 203 -10.85 13.54 19.03
CA VAL C 203 -10.42 12.16 19.18
C VAL C 203 -9.00 12.15 19.63
N TYR C 204 -8.18 13.00 19.02
CA TYR C 204 -6.81 13.04 19.47
C TYR C 204 -6.63 13.40 20.97
N ASP C 205 -7.56 14.17 21.55
CA ASP C 205 -7.54 14.41 23.00
C ASP C 205 -7.85 13.14 23.77
N VAL C 206 -8.82 12.39 23.29
CA VAL C 206 -9.06 11.12 23.92
C VAL C 206 -7.78 10.30 23.82
N ILE C 207 -7.18 10.33 22.65
CA ILE C 207 -6.11 9.47 22.44
C ILE C 207 -5.12 9.92 23.45
N LYS C 208 -5.01 11.22 23.64
CA LYS C 208 -4.02 11.68 24.59
C LYS C 208 -4.33 11.15 26.01
N MET C 209 -5.60 11.00 26.38
CA MET C 209 -5.89 10.43 27.69
C MET C 209 -5.45 8.99 27.74
N LEU C 210 -5.99 8.13 26.88
CA LEU C 210 -5.61 6.69 26.79
C LEU C 210 -4.12 6.35 27.04
N ALA C 211 -3.19 7.12 26.50
CA ALA C 211 -1.80 6.76 26.68
C ALA C 211 -1.31 7.18 28.06
N GLU C 212 -1.55 8.46 28.42
CA GLU C 212 -0.95 8.97 29.63
C GLU C 212 -1.61 8.40 30.84
N LYS C 213 -2.92 8.19 30.81
CA LYS C 213 -3.61 7.42 31.85
C LYS C 213 -3.38 5.88 31.75
N ASN C 214 -2.54 5.45 30.80
CA ASN C 214 -2.52 4.04 30.35
C ASN C 214 -3.85 3.36 30.55
N ILE C 215 -4.69 3.48 29.52
CA ILE C 215 -6.02 2.93 29.50
C ILE C 215 -6.33 2.49 28.10
N SER C 216 -7.26 1.55 27.95
CA SER C 216 -7.63 1.05 26.61
C SER C 216 -8.93 1.64 26.14
N ALA C 217 -9.58 2.44 27.01
CA ALA C 217 -10.92 2.95 26.73
C ALA C 217 -11.28 4.14 27.62
N VAL C 218 -12.26 4.95 27.20
CA VAL C 218 -12.70 6.16 27.95
C VAL C 218 -14.20 6.29 27.84
N PRO C 219 -14.92 6.36 28.98
CA PRO C 219 -16.39 6.36 28.99
C PRO C 219 -16.86 7.72 28.51
N ILE C 220 -17.93 7.77 27.75
CA ILE C 220 -18.42 9.01 27.16
C ILE C 220 -19.75 9.36 27.75
N VAL C 221 -19.88 10.61 28.15
CA VAL C 221 -20.99 10.98 29.03
C VAL C 221 -21.58 12.34 28.64
N ASN C 222 -22.85 12.59 28.84
CA ASN C 222 -23.27 13.96 28.50
C ASN C 222 -23.10 14.84 29.69
N SER C 223 -23.58 16.07 29.57
CA SER C 223 -23.58 17.03 30.66
C SER C 223 -24.08 16.48 31.99
N GLU C 224 -25.15 15.68 31.97
CA GLU C 224 -25.73 15.18 33.20
C GLU C 224 -24.82 14.06 33.69
N GLY C 225 -23.76 13.80 32.93
CA GLY C 225 -22.87 12.69 33.15
C GLY C 225 -23.53 11.34 32.97
N THR C 226 -24.56 11.23 32.12
CA THR C 226 -25.09 9.93 31.75
C THR C 226 -24.08 9.23 30.82
N LEU C 227 -23.87 7.94 31.01
CA LEU C 227 -23.05 7.16 30.07
C LEU C 227 -23.78 7.06 28.74
N LEU C 228 -23.09 7.44 27.68
CA LEU C 228 -23.58 7.28 26.33
C LEU C 228 -22.85 6.16 25.62
N ASN C 229 -21.53 6.27 25.53
CA ASN C 229 -20.69 5.32 24.79
C ASN C 229 -19.31 5.38 25.35
N VAL C 230 -18.42 4.70 24.65
CA VAL C 230 -17.02 4.60 25.04
C VAL C 230 -16.20 5.01 23.87
N TYR C 231 -14.95 5.35 24.08
CA TYR C 231 -14.10 5.32 22.94
C TYR C 231 -12.88 4.38 23.19
N GLU C 232 -12.86 3.18 22.57
CA GLU C 232 -11.72 2.27 22.82
C GLU C 232 -10.56 2.69 21.97
N SER C 233 -9.42 2.05 22.14
CA SER C 233 -8.31 2.38 21.27
C SER C 233 -8.37 1.53 20.02
N VAL C 234 -9.16 0.46 20.03
CA VAL C 234 -9.37 -0.22 18.78
C VAL C 234 -10.19 0.70 17.93
N ASP C 235 -10.99 1.54 18.53
CA ASP C 235 -11.75 2.43 17.70
C ASP C 235 -10.86 3.37 17.00
N VAL C 236 -9.56 3.19 17.17
CA VAL C 236 -8.64 4.05 16.46
C VAL C 236 -8.21 3.33 15.21
N MET C 237 -7.89 2.06 15.31
CA MET C 237 -7.59 1.30 14.08
C MET C 237 -8.61 1.71 13.03
N HIS C 238 -9.91 1.69 13.39
CA HIS C 238 -10.98 1.94 12.40
C HIS C 238 -10.97 3.34 11.86
N LEU C 239 -10.47 4.29 12.63
CA LEU C 239 -10.35 5.67 12.20
C LEU C 239 -9.29 5.87 11.16
N ILE C 240 -8.17 5.16 11.25
CA ILE C 240 -7.09 5.33 10.26
C ILE C 240 -6.81 4.13 9.31
N GLN C 241 -7.76 3.20 9.27
CA GLN C 241 -7.54 1.94 8.56
C GLN C 241 -7.39 2.18 7.08
N ASP C 242 -7.66 3.42 6.67
CA ASP C 242 -7.64 3.74 5.23
C ASP C 242 -6.70 4.90 5.00
N GLY C 243 -5.98 5.31 6.06
CA GLY C 243 -4.86 6.22 5.98
C GLY C 243 -5.28 7.67 6.12
N ASP C 244 -6.42 7.94 6.57
CA ASP C 244 -6.85 9.29 6.79
C ASP C 244 -6.47 9.59 8.22
N TYR C 245 -5.45 10.42 8.45
CA TYR C 245 -4.99 10.73 9.80
C TYR C 245 -5.55 12.06 10.30
N SER C 246 -6.32 12.71 9.43
CA SER C 246 -6.95 13.99 9.75
C SER C 246 -8.24 13.58 10.38
N ASN C 247 -8.65 12.37 10.04
CA ASN C 247 -9.72 11.66 10.72
C ASN C 247 -9.60 11.72 12.23
N LEU C 248 -8.41 12.10 12.70
CA LEU C 248 -8.14 12.20 14.14
C LEU C 248 -8.63 13.49 14.78
N ASP C 249 -8.76 14.55 13.97
CA ASP C 249 -9.47 15.82 14.33
C ASP C 249 -10.98 15.80 14.57
N LEU C 250 -11.65 14.68 14.30
CA LEU C 250 -13.09 14.61 14.47
C LEU C 250 -13.42 14.64 15.95
N SER C 251 -14.59 15.18 16.31
CA SER C 251 -15.03 15.11 17.71
C SER C 251 -15.22 13.63 17.97
N VAL C 252 -15.21 13.16 19.20
CA VAL C 252 -15.55 11.77 19.40
C VAL C 252 -16.80 11.47 18.58
N GLY C 253 -17.81 12.33 18.68
CA GLY C 253 -19.05 12.13 17.92
C GLY C 253 -18.97 11.61 16.49
N GLU C 254 -18.57 12.46 15.56
CA GLU C 254 -18.56 12.08 14.17
C GLU C 254 -17.76 10.77 14.05
N ALA C 255 -16.63 10.69 14.74
CA ALA C 255 -15.86 9.46 14.79
C ALA C 255 -16.61 8.20 15.26
N LEU C 256 -17.66 8.34 16.08
CA LEU C 256 -18.46 7.12 16.40
C LEU C 256 -19.44 6.72 15.31
N LEU C 257 -19.77 7.67 14.44
CA LEU C 257 -20.67 7.40 13.31
C LEU C 257 -20.03 6.45 12.33
N LYS C 258 -18.69 6.42 12.32
CA LYS C 258 -17.98 5.49 11.54
C LYS C 258 -18.18 4.09 12.11
N ARG C 259 -18.35 3.96 13.42
CA ARG C 259 -18.01 2.67 14.03
C ARG C 259 -18.91 1.63 13.43
N PRO C 260 -18.31 0.67 12.73
CA PRO C 260 -19.01 -0.41 12.09
C PRO C 260 -19.74 -1.23 13.10
N ALA C 261 -20.69 -2.02 12.65
CA ALA C 261 -21.60 -2.74 13.53
C ALA C 261 -21.08 -3.99 14.18
N ASN C 262 -19.85 -4.37 13.91
CA ASN C 262 -19.25 -5.52 14.63
C ASN C 262 -19.19 -5.30 16.18
N PHE C 263 -18.58 -4.20 16.67
CA PHE C 263 -18.54 -3.73 18.10
C PHE C 263 -19.16 -4.58 19.21
N ASP C 264 -18.35 -5.11 20.12
CA ASP C 264 -18.85 -5.79 21.34
C ASP C 264 -19.52 -4.74 22.22
N GLY C 265 -20.37 -5.16 23.14
CA GLY C 265 -21.18 -4.14 23.85
C GLY C 265 -20.47 -2.96 24.54
N VAL C 266 -21.25 -2.20 25.29
CA VAL C 266 -20.76 -1.38 26.39
C VAL C 266 -21.46 -1.86 27.64
N HIS C 267 -20.76 -2.60 28.49
CA HIS C 267 -21.38 -3.17 29.66
C HIS C 267 -21.42 -2.32 30.94
N THR C 268 -22.54 -2.45 31.64
CA THR C 268 -22.76 -1.65 32.82
C THR C 268 -23.07 -2.58 33.97
N CYS C 269 -22.82 -2.09 35.19
CA CYS C 269 -23.30 -2.75 36.40
C CYS C 269 -23.44 -1.71 37.55
N ARG C 270 -24.14 -2.11 38.60
CA ARG C 270 -24.41 -1.28 39.74
C ARG C 270 -23.36 -1.62 40.72
N ALA C 271 -23.06 -0.64 41.58
CA ALA C 271 -22.02 -0.73 42.60
C ALA C 271 -22.31 -1.86 43.64
N THR C 272 -23.53 -2.36 43.55
CA THR C 272 -24.11 -3.30 44.49
C THR C 272 -24.16 -4.67 43.84
N ASP C 273 -23.62 -4.75 42.62
CA ASP C 273 -23.38 -6.00 41.88
C ASP C 273 -22.24 -6.83 42.43
N ARG C 274 -21.96 -7.94 41.77
CA ARG C 274 -20.86 -8.72 42.26
C ARG C 274 -20.22 -9.62 41.19
N LEU C 275 -18.94 -9.97 41.38
CA LEU C 275 -18.19 -10.81 40.44
C LEU C 275 -19.00 -11.97 39.92
N ASP C 276 -19.66 -12.74 40.78
CA ASP C 276 -20.30 -13.92 40.29
C ASP C 276 -21.04 -13.63 38.98
N GLY C 277 -21.91 -12.64 38.97
CA GLY C 277 -22.51 -12.25 37.70
C GLY C 277 -21.53 -11.71 36.64
N ILE C 278 -20.62 -10.84 37.07
CA ILE C 278 -19.68 -10.26 36.14
C ILE C 278 -18.94 -11.39 35.43
N PHE C 279 -18.66 -12.48 36.12
CA PHE C 279 -18.12 -13.66 35.48
C PHE C 279 -19.15 -14.28 34.61
N ASP C 280 -20.38 -14.30 35.07
CA ASP C 280 -21.29 -14.94 34.17
C ASP C 280 -21.38 -14.13 32.88
N ALA C 281 -21.26 -12.81 32.96
CA ALA C 281 -21.32 -12.04 31.74
C ALA C 281 -20.12 -12.39 30.91
N ILE C 282 -18.97 -12.38 31.53
CA ILE C 282 -17.76 -12.79 30.86
C ILE C 282 -18.04 -14.10 30.12
N LYS C 283 -18.43 -15.17 30.83
CA LYS C 283 -18.78 -16.50 30.20
C LYS C 283 -19.55 -16.50 28.82
N HIS C 284 -20.23 -15.43 28.49
CA HIS C 284 -21.13 -15.53 27.39
C HIS C 284 -20.84 -14.40 26.38
N SER C 285 -20.56 -13.20 26.89
CA SER C 285 -20.36 -12.01 26.03
C SER C 285 -18.94 -11.48 26.14
N ARG C 286 -18.45 -10.84 25.10
CA ARG C 286 -17.08 -10.35 25.15
C ARG C 286 -17.07 -8.99 25.86
N VAL C 287 -16.88 -9.03 27.19
CA VAL C 287 -16.93 -7.82 28.04
C VAL C 287 -15.88 -6.70 27.80
N HIS C 288 -14.58 -7.01 27.81
CA HIS C 288 -13.52 -5.94 27.93
C HIS C 288 -13.90 -5.31 29.27
N ARG C 289 -13.87 -4.01 29.51
CA ARG C 289 -14.43 -3.47 30.79
C ARG C 289 -16.00 -3.43 31.12
N LEU C 290 -16.34 -3.23 32.39
CA LEU C 290 -17.71 -2.87 32.79
C LEU C 290 -17.68 -1.52 33.43
N PHE C 291 -18.69 -0.71 33.23
CA PHE C 291 -18.71 0.52 33.94
C PHE C 291 -19.68 0.41 35.09
N VAL C 292 -19.38 1.12 36.16
CA VAL C 292 -20.33 1.12 37.25
C VAL C 292 -21.11 2.39 37.09
N VAL C 293 -22.44 2.19 37.02
CA VAL C 293 -23.41 3.28 36.84
C VAL C 293 -24.51 3.36 37.91
N ASP C 294 -25.06 4.55 38.15
CA ASP C 294 -26.17 4.65 39.13
C ASP C 294 -27.47 4.46 38.42
N GLU C 295 -28.60 4.62 39.13
CA GLU C 295 -29.88 4.13 38.56
C GLU C 295 -30.25 4.88 37.27
N ASN C 296 -29.57 5.98 37.06
CA ASN C 296 -29.78 6.81 35.92
C ASN C 296 -28.59 6.79 35.01
N LEU C 297 -27.99 5.61 34.85
CA LEU C 297 -26.74 5.45 34.13
C LEU C 297 -25.83 6.62 34.39
N LYS C 298 -25.61 6.93 35.66
CA LYS C 298 -24.56 7.93 35.95
C LYS C 298 -23.31 7.14 36.33
N LEU C 299 -22.18 7.57 35.80
CA LEU C 299 -20.98 6.82 35.96
C LEU C 299 -20.49 6.93 37.37
N GLU C 300 -20.53 5.84 38.10
CA GLU C 300 -19.96 5.82 39.46
C GLU C 300 -18.51 5.37 39.42
N GLY C 301 -18.23 4.24 38.76
CA GLY C 301 -16.83 3.90 38.45
C GLY C 301 -16.57 3.07 37.21
N ILE C 302 -15.33 2.60 37.10
CA ILE C 302 -14.87 1.65 36.06
C ILE C 302 -14.26 0.36 36.59
N LEU C 303 -14.96 -0.73 36.51
CA LEU C 303 -14.33 -1.98 36.78
C LEU C 303 -13.75 -2.51 35.47
N SER C 304 -12.46 -2.82 35.44
CA SER C 304 -11.86 -3.31 34.20
C SER C 304 -11.43 -4.71 34.36
N LEU C 305 -10.87 -5.24 33.28
CA LEU C 305 -10.53 -6.63 33.22
C LEU C 305 -9.32 -6.87 34.00
N ALA C 306 -8.23 -6.13 33.73
CA ALA C 306 -7.04 -6.32 34.57
C ALA C 306 -7.49 -6.22 36.06
N ASP C 307 -8.29 -5.16 36.39
CA ASP C 307 -8.89 -4.90 37.72
C ASP C 307 -9.33 -6.16 38.37
N ILE C 308 -10.26 -6.83 37.73
CA ILE C 308 -10.71 -8.12 38.13
C ILE C 308 -9.60 -9.13 38.27
N LEU C 309 -8.92 -9.42 37.18
CA LEU C 309 -7.88 -10.46 37.17
C LEU C 309 -6.86 -10.32 38.34
N ASN C 310 -6.32 -9.11 38.49
CA ASN C 310 -5.45 -8.81 39.61
C ASN C 310 -6.12 -9.16 40.91
N TYR C 311 -7.25 -8.53 41.18
CA TYR C 311 -8.07 -8.85 42.33
C TYR C 311 -8.13 -10.35 42.65
N ILE C 312 -8.10 -11.18 41.62
CA ILE C 312 -8.16 -12.63 41.77
C ILE C 312 -6.80 -13.09 42.16
N ILE C 313 -5.82 -12.64 41.41
CA ILE C 313 -4.55 -13.28 41.50
C ILE C 313 -3.70 -13.10 42.76
N TYR C 314 -4.01 -12.25 43.76
CA TYR C 314 -3.12 -12.40 44.97
C TYR C 314 -3.55 -12.23 46.43
N ASP C 315 -4.52 -11.34 46.66
CA ASP C 315 -4.92 -10.88 48.01
C ASP C 315 -4.10 -11.39 49.16
N LYS C 316 -2.98 -10.70 49.41
CA LYS C 316 -2.12 -11.05 50.55
C LYS C 316 -2.87 -10.84 51.86
N THR C 326 2.59 14.63 28.61
CA THR C 326 3.65 13.62 28.27
C THR C 326 4.12 12.82 29.51
N ASP C 327 3.28 11.90 30.00
CA ASP C 327 3.67 10.97 31.04
C ASP C 327 2.61 9.90 31.35
N ASN C 328 2.63 8.78 30.63
CA ASN C 328 3.22 8.67 29.29
C ASN C 328 2.50 7.58 28.47
N PHE C 329 2.83 6.30 28.59
CA PHE C 329 2.33 5.38 27.57
C PHE C 329 1.30 4.32 27.92
N GLU C 330 0.48 4.01 26.94
CA GLU C 330 -0.43 2.90 27.02
C GLU C 330 0.35 1.57 26.88
N SER C 331 -0.24 0.52 27.43
CA SER C 331 0.40 -0.73 27.65
C SER C 331 0.14 -1.67 26.51
N ALA C 332 -1.04 -2.29 26.45
CA ALA C 332 -1.41 -3.03 25.22
C ALA C 332 -2.90 -2.91 24.76
N VAL C 333 -3.41 -3.95 24.10
CA VAL C 333 -4.84 -4.00 23.82
C VAL C 333 -5.17 -5.35 23.26
N ASN D 11 -8.34 16.77 4.20
CA ASN D 11 -7.83 16.04 2.95
C ASN D 11 -7.77 16.68 1.50
N LYS D 12 -7.70 18.03 1.31
CA LYS D 12 -7.13 18.59 0.01
C LYS D 12 -6.29 19.94 0.00
N TRP D 13 -6.07 20.56 -1.16
CA TRP D 13 -4.92 21.46 -1.37
C TRP D 13 -5.00 22.81 -0.67
N HIS D 14 -3.90 23.25 -0.09
CA HIS D 14 -3.77 24.46 0.71
C HIS D 14 -2.30 24.91 0.57
N PHE D 15 -2.01 26.20 0.71
CA PHE D 15 -0.62 26.64 0.63
C PHE D 15 0.22 26.28 1.85
N GLY D 16 1.54 26.21 1.61
CA GLY D 16 2.55 26.00 2.64
C GLY D 16 2.30 24.82 3.52
N VAL D 17 2.79 24.92 4.74
CA VAL D 17 2.72 23.81 5.70
C VAL D 17 2.07 24.32 6.97
N ARG D 18 0.91 23.72 7.32
CA ARG D 18 0.15 24.02 8.56
C ARG D 18 0.98 23.87 9.84
N CYS D 19 0.52 24.49 10.94
CA CYS D 19 1.32 24.68 12.14
C CYS D 19 0.46 24.84 13.37
N ARG D 20 0.84 24.10 14.41
CA ARG D 20 0.22 24.14 15.73
C ARG D 20 1.16 24.87 16.75
N GLY D 21 0.56 25.39 17.82
CA GLY D 21 1.30 25.87 18.93
C GLY D 21 1.60 27.36 18.99
N ASP D 22 2.87 27.64 19.30
CA ASP D 22 3.35 28.98 19.62
C ASP D 22 4.43 29.45 18.63
N ALA D 23 4.10 30.49 17.89
CA ALA D 23 4.89 30.88 16.74
C ALA D 23 6.39 30.71 16.89
N PRO D 24 6.95 31.19 18.00
CA PRO D 24 8.39 31.15 17.90
C PRO D 24 8.99 29.73 18.04
N GLU D 25 8.36 28.83 18.81
CA GLU D 25 8.71 27.42 18.72
C GLU D 25 8.76 26.97 17.24
N ILE D 26 7.64 27.14 16.55
CA ILE D 26 7.57 26.84 15.17
C ILE D 26 8.81 27.48 14.51
N LEU D 27 9.06 28.75 14.79
CA LEU D 27 10.12 29.40 14.06
C LEU D 27 11.38 28.58 14.31
N LEU D 28 11.45 27.94 15.46
CA LEU D 28 12.64 27.25 15.89
C LEU D 28 12.76 25.91 15.19
N ALA D 29 11.74 25.08 15.41
CA ALA D 29 11.51 23.93 14.53
C ALA D 29 11.87 24.17 13.06
N VAL D 30 11.56 25.34 12.53
CA VAL D 30 11.78 25.52 11.14
C VAL D 30 13.28 25.61 10.86
N TYR D 31 13.93 26.47 11.62
CA TYR D 31 15.35 26.53 11.60
C TYR D 31 15.94 25.16 11.80
N ARG D 32 15.46 24.43 12.78
CA ARG D 32 16.05 23.13 12.99
C ARG D 32 16.05 22.16 11.74
N ALA D 33 14.85 21.92 11.17
CA ALA D 33 14.66 21.23 9.92
C ALA D 33 15.40 21.94 8.82
N LEU D 34 15.52 23.26 8.99
CA LEU D 34 16.32 24.03 8.07
C LEU D 34 17.80 23.80 8.35
N GLN D 35 18.12 23.39 9.58
CA GLN D 35 19.51 23.13 9.89
C GLN D 35 19.90 21.79 9.30
N ARG D 36 19.13 20.75 9.59
CA ARG D 36 19.53 19.42 9.17
C ARG D 36 19.28 19.04 7.69
N ALA D 37 18.76 19.93 6.86
CA ALA D 37 18.72 19.67 5.39
C ALA D 37 19.94 20.23 4.66
N GLY D 38 20.68 21.10 5.32
CA GLY D 38 21.93 21.60 4.79
C GLY D 38 21.78 23.05 4.42
N ALA D 39 20.54 23.49 4.19
CA ALA D 39 20.18 24.90 4.02
C ALA D 39 21.01 25.86 4.87
N GLN D 40 21.42 27.01 4.31
CA GLN D 40 21.84 28.17 5.11
C GLN D 40 20.61 29.04 5.33
N PHE D 41 20.69 30.03 6.22
CA PHE D 41 19.57 30.89 6.41
C PHE D 41 19.88 32.12 7.17
N THR D 42 19.08 33.14 6.93
CA THR D 42 19.14 34.35 7.67
C THR D 42 18.67 34.06 9.07
N VAL D 43 19.32 34.74 10.02
CA VAL D 43 18.90 34.90 11.42
C VAL D 43 18.16 36.23 11.54
N PRO D 44 17.18 36.30 12.46
CA PRO D 44 16.50 37.51 12.92
C PRO D 44 17.28 38.85 12.94
N LYS D 45 16.53 39.95 12.76
CA LYS D 45 17.11 41.28 12.71
C LYS D 45 16.55 42.07 13.88
N PRO D 46 17.36 42.23 14.95
CA PRO D 46 16.95 43.05 16.08
C PRO D 46 17.06 44.50 15.67
N VAL D 47 15.95 45.21 15.87
CA VAL D 47 15.88 46.63 15.53
C VAL D 47 15.50 47.45 16.78
N ASN D 48 16.54 48.04 17.36
CA ASN D 48 16.57 48.73 18.69
C ASN D 48 16.40 47.78 19.86
N GLY D 49 15.42 48.05 20.75
CA GLY D 49 14.96 47.07 21.78
C GLY D 49 14.51 45.75 21.13
N LYS D 50 15.43 45.15 20.39
CA LYS D 50 15.31 43.81 19.80
C LYS D 50 14.47 43.61 18.53
N TYR D 51 13.61 42.61 18.63
CA TYR D 51 13.30 41.78 17.48
C TYR D 51 12.05 42.18 16.73
N ARG D 52 12.11 42.08 15.40
CA ARG D 52 10.95 42.38 14.60
C ARG D 52 10.13 41.13 14.18
N SER D 53 8.88 41.39 13.81
CA SER D 53 8.07 40.43 13.12
C SER D 53 8.73 40.03 11.79
N ASP D 54 9.64 40.86 11.28
CA ASP D 54 10.42 40.35 10.16
C ASP D 54 11.18 39.04 10.46
N MET D 55 11.19 38.61 11.73
CA MET D 55 11.95 37.41 12.09
C MET D 55 11.33 36.16 11.52
N TYR D 56 10.01 36.21 11.29
CA TYR D 56 9.22 35.06 10.85
C TYR D 56 9.28 35.06 9.38
N THR D 57 10.45 35.42 8.87
CA THR D 57 10.65 35.55 7.46
C THR D 57 12.06 35.12 7.11
N ILE D 58 12.24 33.81 7.04
CA ILE D 58 13.54 33.33 6.63
C ILE D 58 13.68 33.29 5.12
N LYS D 59 14.70 34.00 4.64
CA LYS D 59 15.37 33.71 3.34
C LYS D 59 16.39 32.59 3.56
N SER D 60 16.34 31.51 2.81
CA SER D 60 17.33 30.44 3.00
C SER D 60 18.11 30.23 1.72
N ARG D 61 19.35 29.72 1.81
CA ARG D 61 20.12 29.43 0.58
C ARG D 61 20.47 27.92 0.56
N TRP D 62 20.33 27.30 -0.62
CA TRP D 62 20.33 25.84 -0.74
C TRP D 62 21.35 25.27 -1.73
N GLU D 63 22.26 24.47 -1.16
CA GLU D 63 23.06 23.50 -1.90
C GLU D 63 22.13 22.73 -2.83
N ILE D 64 21.94 23.15 -4.06
CA ILE D 64 21.32 22.20 -4.95
C ILE D 64 22.04 20.90 -4.69
N PRO D 65 21.36 19.76 -4.70
CA PRO D 65 22.11 18.51 -4.68
C PRO D 65 22.74 18.17 -6.03
N HIS D 66 21.94 18.04 -7.09
CA HIS D 66 22.46 17.45 -8.35
C HIS D 66 23.62 18.18 -9.00
N CYS D 67 23.74 19.46 -8.72
CA CYS D 67 24.80 20.30 -9.29
C CYS D 67 26.11 20.18 -8.49
N LYS D 68 26.03 20.37 -7.16
CA LYS D 68 27.11 20.00 -6.27
C LYS D 68 27.09 18.49 -6.16
N ARG D 69 27.06 17.82 -7.31
CA ARG D 69 27.14 16.36 -7.43
C ARG D 69 28.01 16.11 -8.64
N GLU D 70 27.45 16.42 -9.80
CA GLU D 70 28.25 16.63 -10.99
C GLU D 70 28.53 18.14 -11.20
N GLY D 71 29.49 18.61 -10.40
CA GLY D 71 30.21 19.86 -10.66
C GLY D 71 29.62 21.12 -10.06
N LYS D 72 29.00 21.91 -10.94
CA LYS D 72 28.22 23.13 -10.64
C LYS D 72 28.10 23.66 -9.18
N ASN D 73 28.67 24.84 -8.92
CA ASN D 73 28.37 25.55 -7.66
C ASN D 73 27.16 26.45 -7.85
N THR D 74 25.96 25.87 -7.70
CA THR D 74 24.70 26.44 -8.28
C THR D 74 23.55 27.00 -7.42
N TYR D 75 23.34 26.52 -6.20
CA TYR D 75 22.51 27.27 -5.20
C TYR D 75 21.06 27.53 -5.60
N ALA D 76 20.28 28.07 -4.65
CA ALA D 76 18.84 28.00 -4.73
C ALA D 76 18.26 28.68 -3.52
N TYR D 77 17.31 29.59 -3.74
CA TYR D 77 16.78 30.43 -2.65
C TYR D 77 15.29 30.19 -2.40
N ILE D 78 14.92 30.18 -1.11
CA ILE D 78 13.53 29.92 -0.68
C ILE D 78 13.21 30.87 0.44
N GLU D 79 12.07 31.50 0.36
CA GLU D 79 11.74 32.43 1.36
C GLU D 79 10.70 31.77 2.22
N LEU D 80 11.01 31.53 3.48
CA LEU D 80 10.01 30.94 4.33
C LEU D 80 9.34 32.08 5.04
N GLN D 81 8.00 32.04 5.13
CA GLN D 81 7.24 33.04 5.87
C GLN D 81 6.18 32.38 6.71
N LEU D 82 6.07 32.86 7.93
CA LEU D 82 5.07 32.35 8.85
C LEU D 82 3.90 33.37 9.02
N TYR D 83 2.69 32.91 8.74
CA TYR D 83 1.52 33.71 9.00
C TYR D 83 0.69 32.96 9.98
N GLU D 84 -0.13 33.70 10.70
CA GLU D 84 -1.13 33.18 11.63
C GLU D 84 -2.51 33.20 10.91
N VAL D 85 -3.32 32.16 11.16
CA VAL D 85 -4.59 32.02 10.46
C VAL D 85 -5.68 32.08 11.47
N MET D 86 -5.50 31.37 12.56
CA MET D 86 -6.32 31.61 13.72
C MET D 86 -5.35 31.72 14.94
N PRO D 87 -5.85 31.95 16.16
CA PRO D 87 -4.92 31.67 17.27
C PRO D 87 -4.40 30.22 17.24
N GLY D 88 -3.22 30.02 17.81
CA GLY D 88 -2.48 28.75 17.69
C GLY D 88 -2.34 28.10 16.30
N CYS D 89 -2.72 28.80 15.21
CA CYS D 89 -2.64 28.17 13.87
C CYS D 89 -1.98 29.00 12.79
N PHE D 90 -0.90 28.45 12.19
CA PHE D 90 -0.03 29.20 11.29
C PHE D 90 0.21 28.43 10.03
N MET D 91 0.83 29.08 9.08
CA MET D 91 0.99 28.50 7.78
C MET D 91 2.43 28.85 7.50
N LEU D 92 3.22 27.83 7.19
CA LEU D 92 4.54 28.11 6.78
C LEU D 92 4.42 28.24 5.29
N ASP D 93 4.47 29.44 4.77
CA ASP D 93 4.41 29.65 3.37
C ASP D 93 5.83 29.62 2.89
N VAL D 94 6.06 28.77 1.89
CA VAL D 94 7.37 28.54 1.33
C VAL D 94 7.37 29.14 -0.05
N LYS D 95 8.39 29.89 -0.44
CA LYS D 95 8.46 30.46 -1.77
C LYS D 95 9.78 30.35 -2.52
N SER D 96 9.71 29.74 -3.69
CA SER D 96 10.83 29.70 -4.58
C SER D 96 11.12 31.10 -5.06
N ASN D 97 12.37 31.52 -4.99
CA ASN D 97 12.78 32.75 -5.68
C ASN D 97 14.08 32.66 -6.46
N GLY D 98 14.77 31.54 -6.45
CA GLY D 98 15.90 31.49 -7.34
C GLY D 98 16.76 30.28 -7.55
N TYR D 99 17.31 30.25 -8.74
CA TYR D 99 18.37 29.39 -9.05
C TYR D 99 19.43 30.34 -9.62
N LYS D 100 20.61 30.35 -8.99
CA LYS D 100 21.78 31.10 -9.47
C LYS D 100 23.11 30.29 -9.42
N ASP D 101 23.48 29.70 -10.56
CA ASP D 101 24.81 29.09 -10.73
C ASP D 101 25.85 30.18 -10.54
N ILE D 102 26.57 30.10 -9.42
CA ILE D 102 27.35 31.20 -8.88
C ILE D 102 28.56 31.54 -9.78
N TYR D 103 28.20 31.85 -11.03
CA TYR D 103 29.05 32.18 -12.20
C TYR D 103 29.95 33.42 -12.06
N ASP D 115 11.13 35.79 -18.10
CA ASP D 115 12.23 35.42 -18.98
C ASP D 115 13.00 34.19 -18.43
N ASP D 116 13.37 33.24 -19.31
CA ASP D 116 14.31 32.08 -19.09
C ASP D 116 13.91 31.14 -17.90
N LEU D 117 13.32 29.99 -18.23
CA LEU D 117 12.41 29.27 -17.33
C LEU D 117 12.75 29.05 -15.85
N LYS D 118 11.87 29.58 -15.02
CA LYS D 118 11.82 29.34 -13.60
C LYS D 118 10.96 28.11 -13.38
N SER D 119 11.55 26.96 -13.64
CA SER D 119 10.95 25.67 -13.32
C SER D 119 10.70 25.48 -11.81
N SER D 120 9.63 24.79 -11.50
CA SER D 120 9.24 24.46 -10.13
C SER D 120 10.18 23.43 -9.47
N PHE D 121 11.12 22.91 -10.25
CA PHE D 121 12.17 22.05 -9.78
C PHE D 121 13.58 22.60 -10.01
N PRO D 122 14.49 22.32 -9.08
CA PRO D 122 14.41 21.59 -7.80
C PRO D 122 13.38 22.05 -6.76
N PHE D 123 12.96 23.31 -6.82
CA PHE D 123 12.23 23.87 -5.71
C PHE D 123 11.30 22.90 -5.01
N LEU D 124 10.56 22.10 -5.76
CA LEU D 124 9.68 21.19 -5.07
C LEU D 124 10.45 20.15 -4.28
N ASP D 125 11.50 19.54 -4.87
CA ASP D 125 12.28 18.52 -4.15
C ASP D 125 12.89 19.12 -2.88
N LEU D 126 13.27 20.38 -2.93
CA LEU D 126 13.80 21.00 -1.78
C LEU D 126 12.66 21.20 -0.85
N CYS D 127 11.48 21.42 -1.41
CA CYS D 127 10.32 21.50 -0.55
C CYS D 127 10.16 20.16 0.10
N ALA D 128 10.35 19.10 -0.69
CA ALA D 128 10.17 17.73 -0.20
C ALA D 128 11.08 17.45 1.08
N MET D 129 12.25 18.07 1.06
CA MET D 129 13.28 17.84 2.05
C MET D 129 12.87 18.65 3.26
N LEU D 130 12.80 19.95 3.12
CA LEU D 130 12.21 20.75 4.19
C LEU D 130 11.11 19.98 4.93
N VAL D 131 10.22 19.39 4.17
CA VAL D 131 9.04 18.87 4.77
C VAL D 131 9.45 17.70 5.58
N CYS D 132 10.16 16.80 4.93
CA CYS D 132 10.65 15.61 5.58
C CYS D 132 11.38 15.91 6.85
N LYS D 133 12.16 16.98 6.83
CA LYS D 133 12.88 17.41 8.01
C LYS D 133 11.95 17.83 9.08
N LEU D 134 11.10 18.79 8.76
CA LEU D 134 10.15 19.29 9.70
C LEU D 134 9.28 18.21 10.41
N PHE D 135 9.06 17.06 9.76
CA PHE D 135 8.11 16.01 10.24
C PHE D 135 8.63 14.84 11.09
N SER D 136 9.91 14.90 11.42
CA SER D 136 10.61 13.95 12.22
C SER D 136 11.40 14.78 13.29
N GLN E 6 25.14 37.96 5.18
CA GLN E 6 23.66 37.83 5.30
C GLN E 6 23.27 36.40 5.66
N TYR E 7 24.03 35.41 5.17
CA TYR E 7 23.63 33.97 5.28
C TYR E 7 24.26 33.09 6.37
N SER E 8 23.67 33.09 7.56
CA SER E 8 24.18 32.26 8.66
C SER E 8 23.91 30.77 8.43
N THR E 9 24.44 29.96 9.34
CA THR E 9 24.39 28.50 9.26
C THR E 9 24.03 27.92 10.62
N GLU E 10 23.57 28.80 11.50
CA GLU E 10 23.54 28.52 12.92
C GLU E 10 22.32 29.11 13.58
N ILE E 11 21.47 28.22 14.07
CA ILE E 11 20.24 28.64 14.71
C ILE E 11 20.50 29.71 15.75
N PRO E 12 19.77 30.82 15.67
CA PRO E 12 19.88 31.95 16.60
C PRO E 12 19.87 31.48 18.04
N ALA E 13 20.62 32.18 18.89
CA ALA E 13 20.83 31.72 20.23
C ALA E 13 19.51 31.69 21.02
N PHE E 14 18.77 32.79 20.96
CA PHE E 14 17.59 32.96 21.82
C PHE E 14 16.50 31.92 21.54
N LEU E 15 16.27 31.64 20.26
CA LEU E 15 15.31 30.64 19.85
C LEU E 15 15.64 29.31 20.47
N THR E 16 16.93 29.01 20.64
CA THR E 16 17.36 27.66 21.00
C THR E 16 16.72 27.23 22.31
N SER E 17 17.49 27.19 23.39
CA SER E 17 17.14 26.34 24.56
C SER E 17 15.95 26.77 25.43
N ASN E 18 16.07 26.50 26.72
CA ASN E 18 14.88 26.46 27.53
C ASN E 18 14.54 27.68 28.32
N THR E 19 13.23 27.79 28.59
CA THR E 19 12.56 29.07 28.63
C THR E 19 13.01 29.85 27.39
N LEU E 20 12.79 29.23 26.22
CA LEU E 20 12.64 29.96 24.95
C LEU E 20 11.33 30.74 25.04
N GLN E 21 10.45 30.28 25.93
CA GLN E 21 9.22 30.98 26.30
C GLN E 21 9.51 32.22 27.15
N GLU E 22 10.15 33.23 26.54
CA GLU E 22 10.42 34.54 27.17
C GLU E 22 11.00 35.66 26.28
N LEU E 23 11.77 36.59 26.87
CA LEU E 23 11.63 38.05 26.58
C LEU E 23 11.42 38.58 25.17
N LYS E 24 10.13 38.53 24.82
CA LYS E 24 9.47 39.32 23.77
C LYS E 24 8.23 38.56 23.23
N LEU E 25 8.14 38.37 21.90
CA LEU E 25 6.97 37.85 21.14
C LEU E 25 6.58 38.78 19.99
N PRO E 26 7.52 39.12 19.08
CA PRO E 26 7.00 39.68 17.84
C PRO E 26 6.14 38.56 17.26
N LYS E 27 4.96 38.89 16.73
CA LYS E 27 4.09 37.85 16.21
C LYS E 27 4.34 37.78 14.72
N PRO E 28 4.02 36.64 14.09
CA PRO E 28 3.88 36.60 12.63
C PRO E 28 2.73 37.52 12.14
N PRO E 29 2.82 37.98 10.86
CA PRO E 29 1.73 38.67 10.21
C PRO E 29 0.54 37.77 10.13
N SER E 30 -0.47 38.21 9.42
CA SER E 30 -1.69 37.44 9.35
C SER E 30 -1.80 36.87 7.97
N LEU E 31 -2.53 35.76 7.80
CA LEU E 31 -2.69 35.11 6.49
C LEU E 31 -3.40 36.00 5.50
N PRO E 32 -2.72 36.54 4.47
CA PRO E 32 -3.42 37.42 3.56
C PRO E 32 -4.48 36.67 2.80
N PRO E 33 -5.58 37.35 2.51
CA PRO E 33 -6.74 36.77 1.86
C PRO E 33 -6.30 36.00 0.65
N HIS E 34 -5.38 36.58 -0.11
CA HIS E 34 -5.05 35.97 -1.36
C HIS E 34 -4.45 34.58 -1.34
N LEU E 35 -3.68 34.25 -0.29
CA LEU E 35 -3.46 32.83 0.02
C LEU E 35 -4.78 32.24 0.46
N GLU E 36 -4.79 31.03 0.95
CA GLU E 36 -6.06 30.56 1.45
C GLU E 36 -6.94 29.97 0.36
N LYS E 37 -6.54 30.04 -0.89
CA LYS E 37 -7.36 29.49 -1.95
C LYS E 37 -6.38 28.96 -2.98
N CYS E 38 -6.41 27.66 -3.27
CA CYS E 38 -5.59 27.14 -4.35
C CYS E 38 -6.31 27.16 -5.65
N ILE E 39 -5.60 27.48 -6.71
CA ILE E 39 -6.18 27.33 -8.02
C ILE E 39 -6.39 25.85 -8.30
N LEU E 40 -5.82 24.99 -7.49
CA LEU E 40 -5.96 23.55 -7.71
C LEU E 40 -7.23 22.92 -7.16
N ASN E 41 -7.96 23.65 -6.32
CA ASN E 41 -9.31 23.21 -5.92
C ASN E 41 -10.29 23.98 -6.77
N SER E 42 -10.42 23.59 -8.03
CA SER E 42 -11.25 24.37 -8.93
C SER E 42 -12.30 23.51 -9.61
N ASN E 43 -12.09 23.24 -10.90
CA ASN E 43 -13.06 22.56 -11.75
C ASN E 43 -13.11 21.04 -11.53
N THR E 44 -14.10 20.60 -10.75
CA THR E 44 -14.43 19.18 -10.56
C THR E 44 -14.49 18.42 -11.91
N ALA E 45 -14.96 19.11 -12.98
CA ALA E 45 -15.48 18.46 -14.18
C ALA E 45 -14.41 18.36 -15.25
N TYR E 46 -14.65 17.27 -16.11
CA TYR E 46 -13.82 16.85 -17.24
C TYR E 46 -14.34 17.50 -18.55
N LYS E 47 -14.46 18.83 -18.51
CA LYS E 47 -15.04 19.67 -19.57
C LYS E 47 -14.35 19.54 -20.93
N GLU E 48 -13.04 19.34 -20.91
CA GLU E 48 -12.31 18.61 -21.96
C GLU E 48 -11.08 18.03 -21.24
N ASP E 49 -10.35 18.91 -20.52
CA ASP E 49 -9.29 18.50 -19.59
C ASP E 49 -9.76 18.86 -18.21
N GLN E 50 -9.70 17.90 -17.29
CA GLN E 50 -9.84 18.23 -15.89
C GLN E 50 -8.49 18.79 -15.48
N SER E 51 -7.57 18.76 -16.45
CA SER E 51 -6.23 19.36 -16.32
C SER E 51 -6.29 20.88 -16.35
N VAL E 52 -7.35 21.38 -16.95
CA VAL E 52 -7.44 22.79 -17.22
C VAL E 52 -7.78 23.57 -15.93
N LEU E 53 -6.98 24.59 -15.62
CA LEU E 53 -7.20 25.47 -14.43
C LEU E 53 -7.38 26.97 -14.71
N PRO E 54 -8.04 27.68 -13.78
CA PRO E 54 -8.19 29.14 -13.81
C PRO E 54 -6.84 29.77 -13.82
N ASN E 55 -6.79 31.07 -13.94
CA ASN E 55 -5.50 31.69 -13.88
C ASN E 55 -5.06 32.01 -12.43
N PRO E 56 -3.77 31.76 -12.10
CA PRO E 56 -3.34 31.89 -10.70
C PRO E 56 -3.13 33.36 -10.37
N ASN E 57 -3.09 33.75 -9.10
CA ASN E 57 -2.68 35.12 -8.95
C ASN E 57 -1.19 35.30 -9.07
N HIS E 58 -0.83 36.18 -9.99
CA HIS E 58 0.53 36.29 -10.37
C HIS E 58 1.45 36.44 -9.14
N VAL E 59 0.95 36.99 -8.03
CA VAL E 59 1.87 37.26 -6.90
C VAL E 59 2.18 36.01 -6.13
N LEU E 60 1.17 35.15 -6.01
CA LEU E 60 1.33 33.90 -5.30
C LEU E 60 1.72 32.83 -6.33
N LEU E 61 2.78 33.17 -7.08
CA LEU E 61 3.21 32.40 -8.18
C LEU E 61 3.92 31.18 -7.70
N ASN E 62 5.21 31.25 -7.47
CA ASN E 62 5.94 30.04 -7.23
C ASN E 62 5.95 29.64 -5.76
N HIS E 63 4.81 29.20 -5.28
CA HIS E 63 4.66 29.00 -3.86
C HIS E 63 4.30 27.53 -3.54
N LEU E 64 4.63 27.09 -2.35
CA LEU E 64 4.41 25.74 -2.05
C LEU E 64 2.98 25.57 -1.65
N ALA E 65 2.37 24.46 -2.06
CA ALA E 65 1.01 24.04 -1.69
C ALA E 65 1.07 22.55 -1.53
N ALA E 66 0.33 22.00 -0.59
CA ALA E 66 0.55 20.63 -0.16
C ALA E 66 -0.83 20.08 -0.05
N ALA E 67 -0.96 18.77 0.06
CA ALA E 67 -2.28 18.16 0.33
C ALA E 67 -2.14 16.79 0.96
N ASN E 68 -3.13 16.38 1.76
CA ASN E 68 -3.02 15.10 2.44
C ASN E 68 -3.22 14.05 1.40
N THR E 69 -2.50 12.97 1.52
CA THR E 69 -2.81 11.80 0.70
C THR E 69 -3.12 10.73 1.67
N GLN E 70 -3.94 9.79 1.27
CA GLN E 70 -4.13 8.62 2.12
C GLN E 70 -3.12 7.51 1.75
N LEU E 71 -1.93 7.84 1.19
CA LEU E 71 -1.02 6.81 0.60
C LEU E 71 0.44 6.96 0.99
N GLY E 72 0.67 7.54 2.15
CA GLY E 72 1.95 7.51 2.75
C GLY E 72 2.93 8.17 1.86
N VAL E 73 2.50 9.24 1.18
CA VAL E 73 3.39 10.03 0.30
C VAL E 73 3.10 11.47 0.43
N LEU E 74 4.04 12.30 -0.01
CA LEU E 74 3.87 13.75 -0.04
C LEU E 74 3.23 14.17 -1.33
N ALA E 75 2.37 15.19 -1.26
CA ALA E 75 1.65 15.78 -2.38
C ALA E 75 2.06 17.24 -2.51
N LEU E 76 3.02 17.51 -3.35
CA LEU E 76 3.52 18.88 -3.42
C LEU E 76 3.24 19.49 -4.75
N SER E 77 3.08 20.81 -4.71
CA SER E 77 2.62 21.50 -5.88
C SER E 77 3.19 22.88 -6.00
N ALA E 78 3.26 23.37 -7.23
CA ALA E 78 3.56 24.77 -7.43
C ALA E 78 3.28 25.25 -8.86
N THR E 79 2.77 26.49 -8.95
CA THR E 79 2.46 27.03 -10.22
C THR E 79 3.64 27.86 -10.69
N THR E 80 4.17 27.52 -11.86
CA THR E 80 5.13 28.42 -12.49
C THR E 80 4.68 28.91 -13.87
N ARG E 81 5.35 29.93 -14.37
CA ARG E 81 4.96 30.52 -15.64
C ARG E 81 5.93 30.00 -16.61
N TYR E 82 5.47 29.21 -17.57
CA TYR E 82 6.34 28.79 -18.63
C TYR E 82 6.03 29.60 -19.87
N HIS E 83 7.01 30.29 -20.39
CA HIS E 83 6.73 31.30 -21.39
C HIS E 83 5.60 32.17 -20.96
N ARG E 84 4.46 32.04 -21.66
CA ARG E 84 3.30 32.87 -21.37
C ARG E 84 2.14 32.07 -20.88
N LYS E 85 2.23 30.83 -20.48
CA LYS E 85 1.20 29.91 -20.01
C LYS E 85 1.57 29.32 -18.65
N TYR E 86 1.04 28.59 -17.97
CA TYR E 86 1.16 28.32 -16.58
C TYR E 86 0.99 26.87 -16.25
N VAL E 87 2.12 26.19 -15.94
CA VAL E 87 2.06 24.85 -15.41
C VAL E 87 1.85 24.89 -13.93
N THR E 88 0.85 24.17 -13.44
CA THR E 88 0.79 23.99 -12.01
C THR E 88 1.15 22.57 -11.81
N THR E 89 2.41 22.35 -11.50
CA THR E 89 2.91 21.01 -11.33
C THR E 89 2.48 20.51 -9.96
N ALA E 90 2.19 19.22 -9.89
CA ALA E 90 1.73 18.65 -8.65
C ALA E 90 2.30 17.24 -8.53
N MET E 91 3.38 17.11 -7.74
CA MET E 91 4.15 15.89 -7.70
C MET E 91 3.67 15.11 -6.54
N PHE E 92 3.57 13.80 -6.75
CA PHE E 92 3.49 12.94 -5.63
C PHE E 92 4.89 12.33 -5.37
N LYS E 93 5.58 12.83 -4.33
CA LYS E 93 6.93 12.37 -4.04
C LYS E 93 6.90 11.27 -3.00
N ASN E 94 7.95 10.43 -3.00
CA ASN E 94 8.08 9.45 -1.93
C ASN E 94 8.33 10.08 -0.61
N PHE E 95 7.74 9.49 0.41
CA PHE E 95 7.94 10.13 1.64
C PHE E 95 9.41 10.09 1.87
N ASP E 96 10.01 8.95 1.60
CA ASP E 96 11.31 8.70 2.14
C ASP E 96 11.16 7.77 3.36
N MET F 1 -13.80 22.50 -56.67
CA MET F 1 -12.64 22.21 -57.56
C MET F 1 -12.50 20.68 -57.78
N ASP F 2 -13.58 19.96 -57.45
CA ASP F 2 -13.52 18.52 -57.30
C ASP F 2 -13.42 18.25 -55.78
N VAL F 3 -13.99 17.14 -55.35
CA VAL F 3 -13.86 16.67 -53.96
C VAL F 3 -12.39 16.23 -53.72
N GLN F 4 -11.94 15.24 -54.50
CA GLN F 4 -10.55 14.74 -54.50
C GLN F 4 -9.50 15.84 -54.37
N GLU F 5 -9.71 16.98 -55.03
CA GLU F 5 -8.72 18.06 -55.07
C GLU F 5 -8.85 19.07 -53.90
N THR F 6 -10.07 19.25 -53.40
CA THR F 6 -10.25 20.16 -52.29
C THR F 6 -9.53 19.65 -51.02
N GLN F 7 -9.55 18.30 -50.85
CA GLN F 7 -8.86 17.58 -49.77
C GLN F 7 -7.40 17.87 -49.90
N LYS F 8 -6.80 17.48 -51.03
CA LYS F 8 -5.39 17.77 -51.32
C LYS F 8 -4.99 19.16 -50.74
N GLY F 9 -5.76 20.18 -51.10
CA GLY F 9 -5.39 21.56 -50.79
C GLY F 9 -5.63 21.87 -49.34
N ALA F 10 -6.75 21.32 -48.84
CA ALA F 10 -7.07 21.27 -47.41
C ALA F 10 -5.90 20.68 -46.59
N LEU F 11 -5.58 19.39 -46.75
CA LEU F 11 -4.49 18.76 -46.00
C LEU F 11 -3.20 19.62 -45.98
N LYS F 12 -2.83 20.15 -47.14
CA LYS F 12 -1.67 21.03 -47.30
C LYS F 12 -1.72 22.24 -46.36
N GLU F 13 -2.85 22.92 -46.34
CA GLU F 13 -3.09 24.03 -45.43
C GLU F 13 -2.98 23.62 -43.96
N ILE F 14 -3.58 22.47 -43.63
CA ILE F 14 -3.48 21.88 -42.32
C ILE F 14 -2.04 21.59 -42.01
N GLN F 15 -1.42 20.76 -42.85
CA GLN F 15 0.03 20.55 -42.77
C GLN F 15 0.73 21.86 -42.42
N ALA F 16 0.81 22.82 -43.33
CA ALA F 16 1.47 24.08 -43.02
C ALA F 16 1.11 24.64 -41.67
N PHE F 17 -0.18 24.59 -41.32
CA PHE F 17 -0.65 25.05 -40.03
C PHE F 17 0.07 24.32 -38.91
N ILE F 18 0.03 23.00 -38.99
CA ILE F 18 0.78 22.19 -38.05
C ILE F 18 2.23 22.66 -37.93
N ARG F 19 2.92 22.89 -39.03
CA ARG F 19 4.32 23.35 -38.95
C ARG F 19 4.43 24.77 -38.40
N SER F 20 3.38 25.57 -38.51
CA SER F 20 3.46 26.95 -38.04
C SER F 20 3.17 27.09 -36.51
N ARG F 21 2.93 25.96 -35.87
CA ARG F 21 2.69 25.98 -34.44
C ARG F 21 3.70 25.14 -33.69
N THR F 22 3.96 25.58 -32.48
CA THR F 22 4.85 24.87 -31.61
C THR F 22 3.99 24.11 -30.66
N SER F 23 4.49 22.95 -30.27
CA SER F 23 3.74 22.07 -29.37
C SER F 23 3.14 22.86 -28.22
N TYR F 24 3.89 23.81 -27.69
CA TYR F 24 3.42 24.68 -26.62
C TYR F 24 2.03 25.12 -27.01
N ASP F 25 1.90 25.71 -28.18
CA ASP F 25 0.64 26.24 -28.63
C ASP F 25 -0.64 25.35 -28.40
N VAL F 26 -0.45 24.08 -28.05
CA VAL F 26 -1.59 23.20 -27.92
C VAL F 26 -2.04 23.17 -26.46
N LEU F 27 -1.20 23.75 -25.61
CA LEU F 27 -1.47 23.70 -24.19
C LEU F 27 -2.54 24.71 -23.75
N PRO F 28 -3.35 24.35 -22.73
CA PRO F 28 -4.25 25.34 -22.24
C PRO F 28 -3.44 26.48 -21.76
N THR F 29 -4.08 27.55 -21.38
CA THR F 29 -3.32 28.73 -21.06
C THR F 29 -2.89 28.59 -19.63
N SER F 30 -3.53 27.72 -18.90
CA SER F 30 -3.07 27.40 -17.58
C SER F 30 -3.55 25.98 -17.22
N PHE F 31 -2.64 25.06 -16.86
CA PHE F 31 -3.03 23.68 -16.56
C PHE F 31 -2.27 23.05 -15.41
N ARG F 32 -2.51 21.75 -15.32
CA ARG F 32 -2.23 20.95 -14.17
C ARG F 32 -1.49 19.75 -14.73
N LEU F 33 -0.19 19.71 -14.41
CA LEU F 33 0.70 18.60 -14.73
C LEU F 33 0.96 17.72 -13.49
N ILE F 34 0.42 16.50 -13.48
CA ILE F 34 0.58 15.60 -12.35
C ILE F 34 1.80 14.82 -12.61
N VAL F 35 2.63 14.68 -11.56
CA VAL F 35 3.90 13.94 -11.68
C VAL F 35 4.14 12.91 -10.64
N PHE F 36 4.77 11.82 -11.06
CA PHE F 36 5.16 10.72 -10.16
C PHE F 36 6.67 10.58 -9.85
N ASP F 37 7.01 10.23 -8.61
CA ASP F 37 8.38 9.82 -8.27
C ASP F 37 8.71 8.40 -8.84
N VAL F 38 9.70 8.28 -9.75
CA VAL F 38 10.16 6.94 -10.20
C VAL F 38 10.10 5.95 -9.06
N THR F 39 10.49 6.37 -7.85
CA THR F 39 10.56 5.47 -6.69
C THR F 39 9.22 5.06 -6.07
N LEU F 40 8.08 5.45 -6.66
CA LEU F 40 6.81 5.23 -5.99
C LEU F 40 6.51 3.82 -6.22
N PHE F 41 5.72 3.22 -5.34
CA PHE F 41 5.35 1.84 -5.46
C PHE F 41 4.28 1.75 -6.53
N VAL F 42 4.25 0.63 -7.24
CA VAL F 42 3.29 0.49 -8.24
C VAL F 42 1.89 0.61 -7.66
N LYS F 43 1.60 -0.13 -6.65
CA LYS F 43 0.32 0.04 -5.98
C LYS F 43 -0.09 1.50 -5.75
N THR F 44 0.81 2.32 -5.22
CA THR F 44 0.36 3.66 -4.97
C THR F 44 0.05 4.23 -6.34
N SER F 45 0.93 3.94 -7.30
CA SER F 45 0.88 4.64 -8.56
C SER F 45 -0.48 4.44 -9.17
N LEU F 46 -1.04 3.25 -9.07
CA LEU F 46 -2.39 3.05 -9.52
C LEU F 46 -3.36 3.89 -8.71
N SER F 47 -3.42 3.70 -7.40
CA SER F 47 -4.37 4.51 -6.68
C SER F 47 -4.28 5.96 -7.08
N LEU F 48 -3.08 6.51 -7.24
CA LEU F 48 -2.96 7.95 -7.56
C LEU F 48 -3.45 8.26 -8.99
N LEU F 49 -3.33 7.27 -9.87
CA LEU F 49 -3.69 7.51 -11.26
C LEU F 49 -5.19 7.65 -11.26
N THR F 50 -5.77 6.90 -10.35
CA THR F 50 -7.17 6.72 -10.36
C THR F 50 -7.90 7.85 -9.60
N LEU F 51 -7.63 8.02 -8.31
CA LEU F 51 -7.88 9.31 -7.63
C LEU F 51 -7.97 10.50 -8.59
N ASN F 52 -6.87 10.80 -9.30
CA ASN F 52 -6.71 12.04 -10.07
C ASN F 52 -7.21 11.90 -11.46
N ASN F 53 -8.00 10.84 -11.65
CA ASN F 53 -8.75 10.55 -12.88
C ASN F 53 -7.94 10.68 -14.18
N ILE F 54 -6.78 10.05 -14.19
CA ILE F 54 -5.90 10.18 -15.32
C ILE F 54 -5.29 8.83 -15.52
N VAL F 55 -4.63 8.65 -16.67
CA VAL F 55 -4.17 7.34 -17.21
C VAL F 55 -2.69 7.27 -17.55
N SER F 56 -1.98 8.34 -17.28
CA SER F 56 -0.57 8.31 -17.46
C SER F 56 0.00 9.35 -16.53
N ALA F 57 1.33 9.38 -16.38
CA ALA F 57 2.02 10.47 -15.67
C ALA F 57 3.53 10.39 -15.91
N PRO F 58 4.13 11.53 -16.20
CA PRO F 58 5.58 11.65 -16.21
C PRO F 58 6.17 11.16 -14.92
N LEU F 59 7.31 10.48 -15.03
CA LEU F 59 8.03 10.09 -13.83
C LEU F 59 9.16 11.04 -13.75
N TRP F 60 9.56 11.21 -12.49
CA TRP F 60 10.46 12.28 -12.04
C TRP F 60 11.49 11.64 -11.14
N ASP F 61 12.76 11.98 -11.36
CA ASP F 61 13.84 11.41 -10.57
C ASP F 61 14.67 12.50 -9.90
N SER F 62 14.34 12.80 -8.66
CA SER F 62 14.88 13.98 -7.98
C SER F 62 16.41 13.91 -7.90
N GLU F 63 16.92 12.90 -7.21
CA GLU F 63 18.30 12.46 -7.41
C GLU F 63 18.99 13.28 -8.49
N ALA F 64 18.61 13.07 -9.74
CA ALA F 64 19.25 13.73 -10.86
C ALA F 64 18.46 14.91 -11.46
N ASN F 65 17.22 15.08 -11.05
CA ASN F 65 16.35 16.06 -11.68
C ASN F 65 16.19 15.82 -13.16
N LYS F 66 15.68 14.65 -13.53
CA LYS F 66 15.55 14.24 -14.93
C LYS F 66 14.24 13.56 -15.18
N PHE F 67 13.66 13.71 -16.36
CA PHE F 67 12.51 12.94 -16.74
C PHE F 67 12.84 11.45 -16.78
N ALA F 68 11.99 10.65 -16.17
CA ALA F 68 12.30 9.24 -16.00
C ALA F 68 11.36 8.40 -16.86
N GLY F 69 10.76 9.02 -17.85
CA GLY F 69 9.86 8.26 -18.65
C GLY F 69 8.44 8.54 -18.21
N LEU F 70 7.52 7.95 -18.97
CA LEU F 70 6.15 8.28 -18.98
C LEU F 70 5.33 7.07 -18.61
N LEU F 71 4.87 6.99 -17.36
CA LEU F 71 4.07 5.83 -16.98
C LEU F 71 2.76 5.78 -17.78
N THR F 72 2.39 4.64 -18.32
CA THR F 72 1.23 4.58 -19.18
C THR F 72 0.50 3.30 -18.92
N MET F 73 -0.73 3.13 -19.42
CA MET F 73 -1.39 1.89 -19.10
C MET F 73 -0.63 0.80 -19.80
N ALA F 74 0.15 1.20 -20.78
CA ALA F 74 0.77 0.22 -21.64
C ALA F 74 1.74 -0.55 -20.76
N ASP F 75 2.56 0.21 -20.02
CA ASP F 75 3.42 -0.37 -19.01
C ASP F 75 2.71 -1.53 -18.40
N PHE F 76 1.48 -1.34 -17.96
CA PHE F 76 0.79 -2.47 -17.34
C PHE F 76 0.27 -3.57 -18.21
N VAL F 77 -0.38 -3.26 -19.32
CA VAL F 77 -0.66 -4.27 -20.36
C VAL F 77 0.66 -4.98 -20.57
N ASN F 78 1.73 -4.21 -20.67
CA ASN F 78 2.97 -4.82 -21.09
C ASN F 78 3.65 -5.89 -20.24
N VAL F 79 4.02 -5.59 -18.98
CA VAL F 79 4.53 -6.62 -18.11
C VAL F 79 3.39 -7.65 -17.91
N ILE F 80 2.14 -7.17 -17.83
CA ILE F 80 1.06 -8.05 -17.52
C ILE F 80 1.01 -9.11 -18.60
N LYS F 81 1.09 -8.71 -19.87
CA LYS F 81 1.19 -9.69 -21.00
C LYS F 81 2.31 -10.68 -20.75
N TYR F 82 3.43 -10.11 -20.36
CA TYR F 82 4.66 -10.84 -20.20
C TYR F 82 4.59 -11.92 -19.19
N TYR F 83 3.94 -11.68 -18.06
CA TYR F 83 3.83 -12.74 -17.11
C TYR F 83 3.00 -13.89 -17.64
N TYR F 84 1.83 -13.59 -18.26
CA TYR F 84 0.82 -14.64 -18.59
C TYR F 84 1.29 -15.74 -19.49
N GLN F 85 2.25 -15.40 -20.33
CA GLN F 85 2.77 -16.34 -21.29
C GLN F 85 4.19 -16.73 -20.97
N SER F 86 4.74 -16.32 -19.83
CA SER F 86 6.14 -16.67 -19.65
C SER F 86 6.42 -16.89 -18.19
N SER F 87 5.76 -17.88 -17.63
CA SER F 87 5.71 -18.06 -16.20
C SER F 87 4.62 -19.04 -15.96
N SER F 88 4.87 -20.00 -15.11
CA SER F 88 3.93 -21.08 -15.00
C SER F 88 3.04 -20.91 -13.78
N PHE F 89 3.15 -19.78 -13.09
CA PHE F 89 2.29 -19.51 -11.95
C PHE F 89 1.47 -18.27 -12.08
N PRO F 90 0.16 -18.41 -11.99
CA PRO F 90 -0.84 -17.42 -12.19
C PRO F 90 -0.61 -16.23 -11.29
N GLU F 91 -0.87 -16.48 -9.99
CA GLU F 91 -0.54 -15.59 -8.88
C GLU F 91 0.91 -15.54 -9.12
N ALA F 92 1.52 -14.38 -9.02
CA ALA F 92 2.93 -14.34 -9.27
C ALA F 92 3.05 -13.43 -10.37
N ILE F 93 2.49 -12.27 -10.22
CA ILE F 93 2.52 -11.25 -11.23
C ILE F 93 2.14 -10.24 -10.24
N ALA F 94 1.19 -10.70 -9.43
CA ALA F 94 0.76 -10.15 -8.16
C ALA F 94 1.87 -9.27 -7.60
N GLU F 95 3.03 -9.90 -7.48
CA GLU F 95 4.28 -9.25 -7.16
C GLU F 95 4.35 -7.85 -7.77
N ILE F 96 3.90 -7.67 -9.01
CA ILE F 96 3.82 -6.32 -9.60
C ILE F 96 3.64 -5.27 -8.52
N ASP F 97 2.56 -5.45 -7.79
CA ASP F 97 2.23 -4.59 -6.68
C ASP F 97 3.44 -4.16 -5.86
N LYS F 98 4.27 -5.12 -5.41
CA LYS F 98 5.52 -4.83 -4.66
C LYS F 98 6.46 -3.79 -5.31
N PHE F 99 6.74 -3.95 -6.62
CA PHE F 99 7.68 -3.08 -7.38
C PHE F 99 7.48 -1.60 -7.21
N ARG F 100 8.58 -0.87 -7.19
CA ARG F 100 8.52 0.53 -7.40
C ARG F 100 8.56 0.81 -8.93
N LEU F 101 8.01 1.92 -9.39
CA LEU F 101 7.97 2.25 -10.80
C LEU F 101 9.33 2.03 -11.47
N LEU F 102 10.39 2.21 -10.70
CA LEU F 102 11.75 1.97 -11.22
C LEU F 102 11.85 0.51 -11.59
N GLY F 103 11.74 -0.34 -10.56
CA GLY F 103 11.83 -1.79 -10.70
C GLY F 103 10.95 -2.33 -11.79
N LEU F 104 9.77 -1.72 -11.92
CA LEU F 104 8.77 -2.00 -12.95
C LEU F 104 9.35 -1.66 -14.29
N ARG F 105 9.73 -0.44 -14.54
CA ARG F 105 10.15 -0.20 -15.89
C ARG F 105 11.52 -0.73 -16.23
N GLU F 106 12.17 -1.35 -15.26
CA GLU F 106 13.43 -1.96 -15.60
C GLU F 106 13.14 -3.39 -16.01
N VAL F 107 11.95 -3.84 -15.63
CA VAL F 107 11.54 -5.16 -16.06
C VAL F 107 11.11 -5.02 -17.50
N GLU F 108 10.57 -3.86 -17.84
CA GLU F 108 10.13 -3.64 -19.18
C GLU F 108 11.38 -3.41 -20.01
N ARG F 109 12.35 -2.76 -19.37
CA ARG F 109 13.63 -2.54 -20.02
C ARG F 109 14.16 -3.94 -20.40
N LYS F 110 14.28 -4.79 -19.37
CA LYS F 110 14.65 -6.23 -19.47
C LYS F 110 13.94 -7.13 -20.49
N ILE F 111 12.66 -6.91 -20.77
CA ILE F 111 11.99 -7.79 -21.73
C ILE F 111 11.76 -7.14 -23.10
N GLY F 112 12.34 -5.95 -23.29
CA GLY F 112 12.30 -5.26 -24.57
C GLY F 112 11.01 -4.49 -24.74
N ALA F 113 10.35 -4.19 -23.62
CA ALA F 113 9.05 -3.58 -23.65
C ALA F 113 9.05 -2.04 -23.70
N ILE F 114 10.22 -1.43 -23.64
CA ILE F 114 10.31 0.02 -23.69
C ILE F 114 11.66 0.24 -24.31
N PRO F 115 11.81 1.24 -25.19
CA PRO F 115 13.09 1.47 -25.85
C PRO F 115 14.09 2.14 -24.87
N PRO F 116 15.39 2.21 -25.24
CA PRO F 116 16.43 2.64 -24.27
C PRO F 116 16.17 3.99 -23.61
N GLU F 117 16.39 5.09 -24.37
CA GLU F 117 15.90 6.48 -24.06
C GLU F 117 14.43 6.65 -24.47
N THR F 118 13.75 7.64 -23.90
CA THR F 118 12.33 7.88 -24.27
C THR F 118 12.21 9.12 -25.09
N ILE F 119 11.23 9.09 -25.96
CA ILE F 119 11.06 10.15 -26.91
C ILE F 119 10.28 11.26 -26.26
N TYR F 120 10.81 12.45 -26.45
CA TYR F 120 10.33 13.65 -25.84
C TYR F 120 10.60 14.70 -26.89
N VAL F 121 10.01 15.89 -26.79
CA VAL F 121 10.37 17.01 -27.70
C VAL F 121 10.32 18.32 -27.01
N HIS F 122 10.99 19.32 -27.58
CA HIS F 122 11.04 20.58 -26.90
C HIS F 122 9.67 21.19 -27.14
N PRO F 123 8.96 21.56 -26.09
CA PRO F 123 7.73 22.33 -26.14
C PRO F 123 7.70 23.42 -27.20
N MET F 124 8.83 24.08 -27.41
CA MET F 124 8.87 25.17 -28.39
C MET F 124 9.31 24.73 -29.79
N HIS F 125 9.55 23.45 -29.96
CA HIS F 125 9.72 22.93 -31.29
C HIS F 125 8.41 22.75 -32.05
N SER F 126 8.48 22.75 -33.39
CA SER F 126 7.29 22.75 -34.20
C SER F 126 6.40 21.60 -33.79
N LEU F 127 5.09 21.85 -33.84
CA LEU F 127 4.15 20.84 -33.56
C LEU F 127 4.50 19.68 -34.51
N MET F 128 5.00 19.97 -35.71
CA MET F 128 5.16 18.90 -36.71
C MET F 128 6.12 17.84 -36.18
N ASP F 129 7.12 18.24 -35.41
CA ASP F 129 8.10 17.31 -34.86
C ASP F 129 7.49 16.34 -33.88
N ALA F 130 6.65 16.88 -33.03
CA ALA F 130 5.89 16.06 -32.07
C ALA F 130 4.99 15.04 -32.73
N CYS F 131 4.46 15.35 -33.92
CA CYS F 131 3.53 14.42 -34.60
C CYS F 131 4.38 13.40 -35.33
N LEU F 132 5.63 13.78 -35.64
CA LEU F 132 6.46 12.81 -36.34
C LEU F 132 6.98 11.86 -35.30
N ALA F 133 7.71 12.43 -34.33
CA ALA F 133 8.06 11.69 -33.11
C ALA F 133 7.04 10.62 -32.84
N MET F 134 5.79 11.04 -32.68
CA MET F 134 4.78 10.13 -32.20
C MET F 134 4.43 9.10 -33.27
N SER F 135 4.60 9.51 -34.53
CA SER F 135 4.28 8.62 -35.65
C SER F 135 5.38 7.58 -35.89
N LYS F 136 6.62 8.08 -35.80
CA LYS F 136 7.84 7.28 -35.97
C LYS F 136 7.94 6.23 -34.86
N SER F 137 7.42 6.55 -33.68
CA SER F 137 7.82 5.85 -32.50
C SER F 137 6.65 5.17 -31.96
N ARG F 138 5.60 5.14 -32.77
CA ARG F 138 4.31 4.54 -32.44
C ARG F 138 3.70 5.02 -31.09
N ALA F 139 4.32 6.01 -30.42
CA ALA F 139 3.87 6.39 -29.06
C ALA F 139 2.68 7.32 -29.18
N ARG F 140 1.63 7.01 -28.43
CA ARG F 140 0.34 7.72 -28.56
C ARG F 140 0.22 9.06 -27.82
N ARG F 141 1.33 9.49 -27.20
CA ARG F 141 1.42 10.81 -26.57
C ARG F 141 2.83 10.97 -26.10
N ILE F 142 3.31 12.18 -26.13
CA ILE F 142 4.70 12.37 -25.93
C ILE F 142 5.00 13.54 -24.96
N PRO F 143 5.90 13.33 -23.98
CA PRO F 143 6.20 14.39 -22.99
C PRO F 143 6.82 15.55 -23.66
N LEU F 144 6.63 16.72 -23.09
CA LEU F 144 7.32 17.91 -23.58
C LEU F 144 8.18 18.35 -22.44
N ILE F 145 9.47 18.43 -22.76
CA ILE F 145 10.52 18.74 -21.80
C ILE F 145 11.53 19.69 -22.41
N ASP F 146 11.87 20.70 -21.63
CA ASP F 146 12.90 21.71 -21.86
C ASP F 146 14.08 21.52 -20.86
N VAL F 147 14.99 22.47 -20.86
CA VAL F 147 16.18 22.32 -20.05
C VAL F 147 16.35 23.64 -19.42
N ASP F 148 16.36 23.60 -18.11
CA ASP F 148 16.81 24.72 -17.30
C ASP F 148 18.33 24.85 -17.38
N GLY F 149 18.86 25.69 -18.30
CA GLY F 149 20.31 25.85 -18.48
C GLY F 149 21.10 26.19 -17.20
N GLU F 150 20.50 26.99 -16.34
CA GLU F 150 21.09 27.42 -15.08
C GLU F 150 21.38 26.21 -14.17
N THR F 151 20.37 25.38 -13.96
CA THR F 151 20.53 24.20 -13.14
C THR F 151 20.91 22.96 -13.96
N GLY F 152 20.63 23.00 -15.27
CA GLY F 152 20.83 21.85 -16.14
C GLY F 152 19.72 20.82 -15.98
N SER F 153 18.68 21.17 -15.23
CA SER F 153 17.58 20.25 -14.97
C SER F 153 16.50 20.20 -16.06
N GLU F 154 15.81 19.06 -16.14
CA GLU F 154 14.75 18.86 -17.12
C GLU F 154 13.41 19.28 -16.56
N MET F 155 12.81 20.30 -17.14
CA MET F 155 11.48 20.77 -16.69
C MET F 155 10.39 20.12 -17.57
N ILE F 156 9.64 19.21 -16.97
CA ILE F 156 8.52 18.66 -17.71
C ILE F 156 7.49 19.78 -17.85
N VAL F 157 7.03 20.07 -19.03
CA VAL F 157 6.01 21.08 -19.11
C VAL F 157 4.64 20.46 -19.25
N SER F 158 4.54 19.50 -20.19
CA SER F 158 3.34 18.72 -20.36
C SER F 158 3.61 17.43 -21.09
N VAL F 159 2.53 16.83 -21.54
CA VAL F 159 2.52 15.62 -22.32
C VAL F 159 1.35 15.85 -23.29
N LEU F 160 1.57 15.65 -24.59
CA LEU F 160 0.53 15.85 -25.60
C LEU F 160 -0.18 14.58 -25.94
N THR F 161 -1.49 14.60 -25.95
CA THR F 161 -2.15 13.44 -26.50
C THR F 161 -2.21 13.61 -28.01
N GLN F 162 -2.51 12.55 -28.73
CA GLN F 162 -2.69 12.74 -30.13
C GLN F 162 -4.04 13.38 -30.25
N TYR F 163 -4.94 12.97 -29.34
CA TYR F 163 -6.29 13.51 -29.30
C TYR F 163 -6.22 15.02 -29.19
N ARG F 164 -5.45 15.51 -28.22
CA ARG F 164 -5.51 16.93 -27.96
C ARG F 164 -5.06 17.58 -29.22
N ILE F 165 -4.14 16.92 -29.87
CA ILE F 165 -3.49 17.53 -30.99
C ILE F 165 -4.44 17.66 -32.21
N LEU F 166 -5.12 16.58 -32.55
CA LEU F 166 -6.17 16.66 -33.53
C LEU F 166 -7.19 17.73 -33.09
N LYS F 167 -7.70 17.66 -31.85
CA LYS F 167 -8.69 18.66 -31.42
C LYS F 167 -8.13 20.04 -31.55
N PHE F 168 -6.82 20.19 -31.33
CA PHE F 168 -6.19 21.47 -31.60
C PHE F 168 -6.54 21.87 -33.02
N ILE F 169 -6.17 21.00 -33.96
CA ILE F 169 -6.46 21.22 -35.36
C ILE F 169 -7.92 21.49 -35.58
N SER F 170 -8.78 20.63 -35.07
CA SER F 170 -10.14 20.74 -35.47
C SER F 170 -10.68 22.08 -34.99
N MET F 171 -10.17 22.61 -33.88
CA MET F 171 -10.68 23.93 -33.45
C MET F 171 -10.12 25.06 -34.24
N ASN F 172 -8.97 24.85 -34.84
CA ASN F 172 -8.17 25.95 -35.34
C ASN F 172 -8.12 26.05 -36.83
N CYS F 173 -8.46 24.94 -37.45
CA CYS F 173 -8.42 24.80 -38.90
C CYS F 173 -9.81 24.62 -39.46
N LYS F 174 -10.39 25.79 -39.76
CA LYS F 174 -11.48 25.94 -40.71
C LYS F 174 -11.32 24.89 -41.81
N GLU F 175 -10.08 24.66 -42.25
CA GLU F 175 -9.83 23.68 -43.30
C GLU F 175 -10.31 22.22 -43.10
N THR F 176 -10.70 21.79 -41.89
CA THR F 176 -11.22 20.40 -41.75
C THR F 176 -12.56 20.23 -42.45
N ALA F 177 -13.26 21.38 -42.59
CA ALA F 177 -14.59 21.51 -43.20
C ALA F 177 -14.50 21.00 -44.60
N MET F 178 -13.30 21.01 -45.13
CA MET F 178 -13.18 20.76 -46.51
C MET F 178 -12.66 19.38 -46.82
N LEU F 179 -12.86 18.42 -45.91
CA LEU F 179 -12.36 17.04 -46.08
C LEU F 179 -13.52 16.08 -46.25
N ARG F 180 -13.94 15.93 -47.49
CA ARG F 180 -15.21 15.35 -47.85
C ARG F 180 -14.99 14.14 -48.71
N VAL F 181 -13.75 13.63 -48.70
CA VAL F 181 -13.40 12.43 -49.47
C VAL F 181 -13.68 11.23 -48.59
N PRO F 182 -14.76 10.48 -48.90
CA PRO F 182 -15.07 9.31 -48.09
C PRO F 182 -13.82 8.50 -47.83
N LEU F 183 -13.88 7.78 -46.70
CA LEU F 183 -12.91 6.76 -46.29
C LEU F 183 -12.54 5.72 -47.34
N ASN F 184 -13.53 4.92 -47.76
CA ASN F 184 -13.35 3.84 -48.76
C ASN F 184 -12.63 4.23 -50.04
N GLN F 185 -12.60 5.52 -50.31
CA GLN F 185 -11.78 5.99 -51.38
C GLN F 185 -10.35 6.13 -50.90
N MET F 186 -10.08 7.11 -49.99
CA MET F 186 -8.82 7.16 -49.19
C MET F 186 -8.28 5.76 -48.73
N THR F 187 -6.99 5.48 -48.97
CA THR F 187 -6.38 4.35 -48.27
C THR F 187 -5.93 4.79 -46.85
N ILE F 188 -6.72 4.38 -45.83
CA ILE F 188 -6.52 4.83 -44.43
C ILE F 188 -7.28 3.97 -43.41
N GLY F 189 -6.70 3.81 -42.22
CA GLY F 189 -7.32 2.97 -41.16
C GLY F 189 -7.29 1.49 -41.54
N THR F 190 -7.06 0.59 -40.61
CA THR F 190 -7.12 -0.82 -40.97
C THR F 190 -8.52 -1.25 -41.33
N TRP F 191 -8.63 -2.19 -42.26
CA TRP F 191 -9.93 -2.62 -42.77
C TRP F 191 -9.97 -4.11 -42.91
N SER F 192 -8.84 -4.72 -42.60
CA SER F 192 -8.79 -6.17 -42.60
C SER F 192 -7.91 -6.71 -41.50
N ASN F 193 -8.16 -7.98 -41.18
CA ASN F 193 -7.32 -8.72 -40.25
C ASN F 193 -7.41 -8.29 -38.79
N LEU F 194 -8.64 -7.96 -38.37
CA LEU F 194 -8.92 -7.21 -37.14
C LEU F 194 -8.95 -8.11 -35.98
N ALA F 195 -8.14 -7.81 -34.99
CA ALA F 195 -8.21 -8.43 -33.67
C ALA F 195 -9.49 -7.97 -33.05
N THR F 196 -10.27 -8.95 -32.60
CA THR F 196 -11.47 -8.66 -31.86
C THR F 196 -11.80 -9.81 -30.89
N ALA F 197 -12.16 -9.48 -29.65
CA ALA F 197 -12.63 -10.50 -28.70
C ALA F 197 -14.15 -10.52 -28.61
N SER F 198 -14.65 -11.53 -27.93
CA SER F 198 -16.04 -11.68 -27.63
C SER F 198 -16.19 -11.32 -26.16
N MET F 199 -17.36 -11.53 -25.64
CA MET F 199 -17.58 -11.14 -24.29
C MET F 199 -17.27 -12.36 -23.43
N GLU F 200 -16.71 -13.43 -24.05
CA GLU F 200 -16.36 -14.63 -23.29
C GLU F 200 -14.85 -14.73 -23.35
N THR F 201 -14.24 -13.77 -24.03
CA THR F 201 -12.83 -13.83 -24.23
C THR F 201 -12.16 -13.43 -22.99
N LYS F 202 -11.21 -14.24 -22.52
CA LYS F 202 -10.59 -13.99 -21.22
C LYS F 202 -9.82 -12.71 -21.25
N VAL F 203 -9.80 -12.01 -20.11
CA VAL F 203 -9.28 -10.62 -20.07
C VAL F 203 -7.80 -10.58 -20.36
N TYR F 204 -7.07 -11.65 -20.04
CA TYR F 204 -5.60 -11.71 -20.37
C TYR F 204 -5.32 -11.90 -21.83
N ASP F 205 -6.14 -12.69 -22.53
CA ASP F 205 -5.98 -12.90 -23.99
C ASP F 205 -6.12 -11.57 -24.73
N VAL F 206 -7.13 -10.76 -24.33
CA VAL F 206 -7.31 -9.42 -24.87
C VAL F 206 -6.09 -8.53 -24.61
N ILE F 207 -5.66 -8.52 -23.33
CA ILE F 207 -4.37 -7.96 -22.93
C ILE F 207 -3.32 -8.47 -23.88
N LYS F 208 -3.29 -9.80 -24.13
CA LYS F 208 -2.38 -10.41 -25.10
C LYS F 208 -2.45 -9.73 -26.46
N MET F 209 -3.53 -9.83 -27.23
CA MET F 209 -3.61 -9.08 -28.52
C MET F 209 -3.20 -7.60 -28.43
N LEU F 210 -3.53 -6.91 -27.33
CA LEU F 210 -3.14 -5.51 -27.18
C LEU F 210 -1.65 -5.23 -27.38
N ALA F 211 -0.83 -5.56 -26.39
CA ALA F 211 0.61 -5.83 -26.58
C ALA F 211 0.69 -6.72 -27.82
N GLU F 212 1.70 -6.60 -28.68
CA GLU F 212 1.76 -7.65 -29.73
C GLU F 212 0.98 -7.38 -31.05
N LYS F 213 -0.20 -6.77 -30.99
CA LYS F 213 -0.76 -6.01 -32.12
C LYS F 213 -0.53 -4.53 -31.85
N ASN F 214 -0.04 -4.27 -30.65
CA ASN F 214 0.30 -2.93 -30.17
C ASN F 214 -0.84 -1.97 -30.43
N ILE F 215 -1.95 -2.16 -29.72
CA ILE F 215 -3.14 -1.37 -29.93
C ILE F 215 -3.67 -0.99 -28.59
N SER F 216 -4.47 0.08 -28.52
CA SER F 216 -4.95 0.66 -27.24
C SER F 216 -6.29 0.12 -26.81
N ALA F 217 -6.98 -0.47 -27.78
CA ALA F 217 -8.34 -1.01 -27.65
C ALA F 217 -8.65 -2.27 -28.53
N VAL F 218 -9.67 -3.01 -28.20
CA VAL F 218 -10.03 -4.07 -29.10
C VAL F 218 -11.50 -4.27 -29.04
N PRO F 219 -12.17 -4.14 -30.20
CA PRO F 219 -13.61 -4.12 -30.36
C PRO F 219 -14.18 -5.44 -29.97
N ILE F 220 -15.32 -5.42 -29.30
CA ILE F 220 -15.90 -6.68 -28.89
C ILE F 220 -17.11 -6.93 -29.72
N VAL F 221 -17.10 -7.99 -30.51
CA VAL F 221 -18.26 -8.32 -31.34
C VAL F 221 -18.96 -9.54 -30.81
N ASN F 222 -19.85 -10.13 -31.60
CA ASN F 222 -20.59 -11.32 -31.17
C ASN F 222 -20.91 -12.15 -32.38
N SER F 223 -21.38 -13.38 -32.19
CA SER F 223 -21.47 -14.35 -33.28
C SER F 223 -21.67 -13.68 -34.63
N GLU F 224 -22.76 -12.93 -34.76
CA GLU F 224 -23.13 -12.28 -36.00
C GLU F 224 -22.35 -11.01 -36.23
N GLY F 225 -21.29 -10.85 -35.48
CA GLY F 225 -20.33 -9.80 -35.79
C GLY F 225 -20.63 -8.38 -35.38
N THR F 226 -21.82 -8.13 -34.79
CA THR F 226 -22.34 -6.81 -34.37
C THR F 226 -21.44 -6.15 -33.30
N LEU F 227 -20.94 -4.95 -33.55
CA LEU F 227 -20.13 -4.24 -32.55
C LEU F 227 -20.88 -4.09 -31.23
N LEU F 228 -20.34 -4.62 -30.18
CA LEU F 228 -21.02 -4.50 -28.95
C LEU F 228 -20.37 -3.42 -28.16
N ASN F 229 -19.05 -3.50 -28.02
CA ASN F 229 -18.28 -2.70 -27.10
C ASN F 229 -16.80 -2.52 -27.54
N VAL F 230 -16.00 -1.84 -26.74
CA VAL F 230 -14.57 -1.90 -26.94
C VAL F 230 -13.85 -2.17 -25.63
N TYR F 231 -12.99 -3.17 -25.60
CA TYR F 231 -12.06 -3.28 -24.45
C TYR F 231 -10.80 -2.43 -24.65
N GLU F 232 -10.52 -1.52 -23.72
CA GLU F 232 -9.34 -0.66 -23.85
C GLU F 232 -8.35 -1.03 -22.76
N SER F 233 -7.08 -0.84 -23.01
CA SER F 233 -6.15 -1.05 -21.94
C SER F 233 -6.47 -0.08 -20.80
N VAL F 234 -7.04 1.10 -21.05
CA VAL F 234 -7.32 1.92 -19.87
C VAL F 234 -8.32 1.24 -18.97
N ASP F 235 -8.87 0.14 -19.45
CA ASP F 235 -9.79 -0.64 -18.69
C ASP F 235 -9.07 -1.52 -17.77
N VAL F 236 -7.78 -1.39 -17.73
CA VAL F 236 -7.05 -2.34 -16.98
C VAL F 236 -6.91 -1.76 -15.62
N MET F 237 -6.37 -0.57 -15.59
CA MET F 237 -6.43 0.30 -14.43
C MET F 237 -7.59 -0.06 -13.54
N HIS F 238 -8.81 -0.01 -14.05
CA HIS F 238 -9.96 -0.41 -13.24
C HIS F 238 -9.86 -1.85 -12.90
N LEU F 239 -9.28 -2.62 -13.79
CA LEU F 239 -9.23 -4.03 -13.53
C LEU F 239 -8.36 -4.29 -12.34
N ILE F 240 -7.28 -3.57 -12.16
CA ILE F 240 -6.39 -3.92 -11.05
C ILE F 240 -6.06 -2.83 -10.07
N GLN F 241 -6.85 -1.75 -10.05
CA GLN F 241 -6.66 -0.63 -9.10
C GLN F 241 -6.97 -1.10 -7.67
N ASP F 242 -7.70 -2.20 -7.62
CA ASP F 242 -8.16 -2.80 -6.42
C ASP F 242 -7.07 -3.57 -5.75
N GLY F 243 -5.98 -3.75 -6.50
CA GLY F 243 -4.92 -4.69 -6.21
C GLY F 243 -5.36 -6.13 -6.38
N ASP F 244 -6.46 -6.44 -7.02
CA ASP F 244 -6.84 -7.81 -7.24
C ASP F 244 -6.54 -8.22 -8.65
N TYR F 245 -5.42 -8.92 -8.83
CA TYR F 245 -4.96 -9.41 -10.17
C TYR F 245 -5.71 -10.68 -10.66
N SER F 246 -6.50 -11.31 -9.79
CA SER F 246 -7.32 -12.45 -10.19
C SER F 246 -8.36 -11.92 -11.15
N ASN F 247 -8.56 -10.60 -11.06
CA ASN F 247 -9.49 -9.86 -11.92
C ASN F 247 -9.18 -9.98 -13.42
N LEU F 248 -7.99 -10.52 -13.74
CA LEU F 248 -7.57 -10.68 -15.11
C LEU F 248 -8.06 -11.95 -15.75
N ASP F 249 -8.62 -12.85 -14.92
CA ASP F 249 -9.28 -14.09 -15.36
C ASP F 249 -10.78 -13.92 -15.61
N LEU F 250 -11.21 -12.67 -15.67
CA LEU F 250 -12.59 -12.41 -15.97
C LEU F 250 -12.75 -12.47 -17.50
N SER F 251 -13.83 -13.09 -17.95
CA SER F 251 -14.26 -12.86 -19.35
C SER F 251 -14.36 -11.35 -19.58
N VAL F 252 -14.13 -10.89 -20.80
CA VAL F 252 -14.43 -9.47 -21.04
C VAL F 252 -15.85 -9.14 -20.50
N GLY F 253 -16.80 -10.02 -20.74
CA GLY F 253 -18.10 -9.88 -20.10
C GLY F 253 -18.04 -9.21 -18.73
N GLU F 254 -17.62 -10.02 -17.75
CA GLU F 254 -17.60 -9.58 -16.36
C GLU F 254 -16.74 -8.34 -16.23
N ALA F 255 -15.51 -8.36 -16.64
CA ALA F 255 -14.74 -7.18 -16.37
C ALA F 255 -15.46 -5.96 -16.85
N LEU F 256 -16.39 -6.12 -17.78
CA LEU F 256 -16.97 -4.96 -18.42
C LEU F 256 -17.92 -4.39 -17.45
N LEU F 257 -18.61 -5.29 -16.78
CA LEU F 257 -19.61 -4.85 -15.85
C LEU F 257 -19.00 -4.09 -14.68
N LYS F 258 -17.68 -3.94 -14.63
CA LYS F 258 -17.10 -3.22 -13.53
C LYS F 258 -16.88 -1.80 -13.94
N ARG F 259 -17.15 -1.51 -15.20
CA ARG F 259 -16.69 -0.26 -15.83
C ARG F 259 -17.49 0.91 -15.30
N PRO F 260 -16.82 1.84 -14.62
CA PRO F 260 -17.54 2.92 -13.93
C PRO F 260 -18.13 3.85 -14.98
N ALA F 261 -19.15 4.59 -14.62
CA ALA F 261 -19.88 5.29 -15.62
C ALA F 261 -19.14 6.44 -16.32
N ASN F 262 -17.89 6.75 -15.96
CA ASN F 262 -17.18 7.83 -16.67
C ASN F 262 -16.62 7.54 -18.08
N PHE F 263 -16.73 6.31 -18.56
CA PHE F 263 -16.34 5.93 -19.93
C PHE F 263 -16.63 6.95 -21.04
N ASP F 264 -15.66 7.22 -21.91
CA ASP F 264 -16.02 7.96 -23.13
C ASP F 264 -16.82 7.00 -24.08
N GLY F 265 -17.07 7.39 -25.31
CA GLY F 265 -17.89 6.49 -26.05
C GLY F 265 -17.15 5.32 -26.63
N VAL F 266 -17.92 4.56 -27.38
CA VAL F 266 -17.51 3.80 -28.52
C VAL F 266 -17.90 4.66 -29.77
N HIS F 267 -16.96 5.08 -30.61
CA HIS F 267 -17.47 5.85 -31.76
C HIS F 267 -17.49 5.11 -33.08
N THR F 268 -18.70 4.89 -33.56
CA THR F 268 -18.86 4.24 -34.82
C THR F 268 -19.08 5.29 -35.84
N CYS F 269 -19.02 4.86 -37.10
CA CYS F 269 -19.19 5.71 -38.25
C CYS F 269 -19.28 4.81 -39.47
N ARG F 270 -19.63 5.42 -40.57
CA ARG F 270 -19.81 4.68 -41.79
C ARG F 270 -18.62 4.81 -42.69
N ALA F 271 -18.31 3.69 -43.35
CA ALA F 271 -17.21 3.54 -44.29
C ALA F 271 -17.19 4.63 -45.33
N THR F 272 -18.33 5.27 -45.49
CA THR F 272 -18.46 6.33 -46.48
C THR F 272 -18.44 7.72 -45.86
N ASP F 273 -18.21 7.86 -44.55
CA ASP F 273 -18.07 9.18 -43.92
C ASP F 273 -16.85 9.99 -44.38
N ARG F 274 -16.39 10.94 -43.59
CA ARG F 274 -15.28 11.73 -44.13
C ARG F 274 -14.66 12.78 -43.23
N LEU F 275 -13.34 12.81 -43.26
CA LEU F 275 -12.54 13.44 -42.24
C LEU F 275 -13.21 14.67 -41.63
N ASP F 276 -13.93 15.42 -42.46
CA ASP F 276 -14.62 16.62 -42.01
C ASP F 276 -15.62 16.36 -40.85
N GLY F 277 -16.14 15.15 -40.75
CA GLY F 277 -17.19 14.93 -39.79
C GLY F 277 -16.53 14.26 -38.63
N ILE F 278 -15.58 13.40 -38.99
CA ILE F 278 -14.70 12.77 -38.04
C ILE F 278 -14.00 13.89 -37.30
N PHE F 279 -13.49 14.86 -38.03
CA PHE F 279 -12.75 15.93 -37.42
C PHE F 279 -13.62 16.75 -36.58
N ASP F 280 -14.91 16.50 -36.60
CA ASP F 280 -15.59 17.39 -35.71
C ASP F 280 -16.44 16.74 -34.65
N ALA F 281 -16.62 15.45 -34.83
CA ALA F 281 -16.85 14.61 -33.68
C ALA F 281 -15.68 14.88 -32.72
N ILE F 282 -14.46 14.57 -33.14
CA ILE F 282 -13.28 14.98 -32.38
C ILE F 282 -13.54 16.35 -31.71
N LYS F 283 -13.96 17.37 -32.47
CA LYS F 283 -14.18 18.71 -31.85
C LYS F 283 -15.17 18.76 -30.64
N HIS F 284 -16.08 17.81 -30.55
CA HIS F 284 -17.16 17.90 -29.59
C HIS F 284 -16.98 16.86 -28.50
N SER F 285 -17.05 15.59 -28.86
CA SER F 285 -16.86 14.52 -27.89
C SER F 285 -15.40 14.27 -27.61
N ARG F 286 -15.10 13.19 -26.89
CA ARG F 286 -13.72 12.76 -26.70
C ARG F 286 -13.61 11.43 -27.37
N VAL F 287 -13.26 11.41 -28.65
CA VAL F 287 -13.16 10.15 -29.40
C VAL F 287 -11.78 9.54 -29.25
N HIS F 288 -11.68 8.28 -28.85
CA HIS F 288 -10.33 7.69 -28.85
C HIS F 288 -10.13 6.82 -30.08
N ARG F 289 -11.20 6.60 -30.83
CA ARG F 289 -11.21 5.53 -31.82
C ARG F 289 -12.33 5.82 -32.75
N LEU F 290 -12.32 5.20 -33.91
CA LEU F 290 -13.55 5.09 -34.69
C LEU F 290 -13.74 3.69 -35.18
N PHE F 291 -14.81 3.05 -34.77
CA PHE F 291 -15.05 1.77 -35.34
C PHE F 291 -15.91 1.93 -36.60
N VAL F 292 -15.24 1.94 -37.74
CA VAL F 292 -15.94 1.98 -38.98
C VAL F 292 -16.85 0.73 -39.10
N VAL F 293 -18.15 1.00 -39.21
CA VAL F 293 -19.16 -0.05 -39.26
C VAL F 293 -20.19 0.15 -40.41
N ASP F 294 -21.10 -0.80 -40.58
CA ASP F 294 -21.98 -0.77 -41.72
C ASP F 294 -23.38 -0.52 -41.24
N GLU F 295 -24.34 -0.60 -42.17
CA GLU F 295 -25.76 -0.38 -41.84
C GLU F 295 -26.16 -1.14 -40.62
N ASN F 296 -25.56 -2.29 -40.42
CA ASN F 296 -26.07 -3.21 -39.41
C ASN F 296 -25.26 -3.38 -38.10
N LEU F 297 -24.44 -2.35 -37.80
CA LEU F 297 -23.37 -2.43 -36.80
C LEU F 297 -22.50 -3.66 -36.97
N LYS F 298 -21.98 -3.88 -38.17
CA LYS F 298 -21.00 -4.95 -38.36
C LYS F 298 -19.67 -4.28 -38.73
N LEU F 299 -18.64 -4.56 -37.90
CA LEU F 299 -17.34 -3.92 -37.99
C LEU F 299 -16.69 -4.19 -39.30
N GLU F 300 -16.10 -3.14 -39.86
CA GLU F 300 -15.53 -3.20 -41.20
C GLU F 300 -14.07 -2.81 -41.24
N GLY F 301 -13.71 -1.97 -40.27
CA GLY F 301 -12.36 -1.46 -40.17
C GLY F 301 -12.34 -0.61 -38.93
N ILE F 302 -11.30 0.18 -38.80
CA ILE F 302 -10.99 0.78 -37.57
C ILE F 302 -10.22 2.00 -37.94
N LEU F 303 -10.82 3.18 -37.89
CA LEU F 303 -10.04 4.36 -38.21
C LEU F 303 -9.59 4.76 -36.85
N SER F 304 -8.31 5.10 -36.74
CA SER F 304 -7.68 5.50 -35.49
C SER F 304 -7.04 6.87 -35.55
N LEU F 305 -6.91 7.41 -34.36
CA LEU F 305 -6.37 8.73 -34.18
C LEU F 305 -5.00 8.92 -34.75
N ALA F 306 -4.22 7.84 -34.67
CA ALA F 306 -2.87 7.85 -35.19
C ALA F 306 -3.12 7.84 -36.69
N ASP F 307 -3.85 6.81 -37.15
CA ASP F 307 -4.36 6.77 -38.52
C ASP F 307 -4.61 8.18 -39.11
N ILE F 308 -5.63 8.85 -38.61
CA ILE F 308 -5.91 10.24 -38.86
C ILE F 308 -4.65 11.09 -38.85
N LEU F 309 -4.10 11.37 -37.67
CA LEU F 309 -3.04 12.36 -37.61
C LEU F 309 -1.99 12.08 -38.66
N ASN F 310 -1.51 10.83 -38.69
CA ASN F 310 -0.50 10.37 -39.60
C ASN F 310 -0.92 10.63 -41.02
N TYR F 311 -2.19 10.36 -41.31
CA TYR F 311 -2.69 10.60 -42.66
C TYR F 311 -2.76 12.09 -42.94
N ILE F 312 -3.34 12.84 -42.00
CA ILE F 312 -3.33 14.29 -42.09
C ILE F 312 -1.90 14.77 -42.28
N ILE F 313 -0.91 13.87 -42.13
CA ILE F 313 0.50 14.30 -41.87
C ILE F 313 1.67 13.75 -42.76
N TYR F 314 1.36 13.32 -43.95
CA TYR F 314 2.33 12.82 -44.89
C TYR F 314 1.68 13.10 -46.24
N ASP F 315 2.41 13.62 -47.22
CA ASP F 315 1.78 13.81 -48.55
C ASP F 315 2.21 12.74 -49.55
N LYS F 316 3.51 12.73 -49.81
CA LYS F 316 4.23 11.75 -50.61
C LYS F 316 4.71 10.52 -49.78
N THR F 317 5.62 10.75 -48.83
CA THR F 317 6.35 9.70 -48.08
C THR F 317 5.56 9.00 -46.96
N THR F 318 6.01 7.79 -46.57
CA THR F 318 5.89 7.30 -45.16
C THR F 318 7.26 7.34 -44.44
N THR F 319 7.23 7.32 -43.10
CA THR F 319 8.45 7.26 -42.26
C THR F 319 8.49 5.84 -41.64
N PRO F 320 9.00 4.86 -42.43
CA PRO F 320 9.15 3.44 -42.02
C PRO F 320 10.10 3.15 -40.83
N GLY F 321 9.65 3.56 -39.65
CA GLY F 321 9.91 2.85 -38.40
C GLY F 321 8.53 2.26 -38.22
N VAL F 322 8.02 1.67 -39.30
CA VAL F 322 6.63 1.26 -39.43
C VAL F 322 6.53 -0.04 -40.25
N PRO F 323 6.25 -1.20 -39.57
CA PRO F 323 6.41 -1.31 -38.11
C PRO F 323 7.88 -1.59 -37.79
N GLU F 324 8.18 -2.08 -36.58
CA GLU F 324 9.57 -2.35 -36.22
C GLU F 324 9.85 -3.87 -36.08
N GLN F 325 8.90 -4.60 -35.50
CA GLN F 325 8.97 -6.07 -35.40
C GLN F 325 7.63 -6.77 -35.15
N THR F 326 7.67 -8.10 -35.24
CA THR F 326 6.54 -9.00 -34.90
C THR F 326 6.26 -9.04 -33.36
N ASP F 327 5.07 -9.54 -32.96
CA ASP F 327 4.76 -9.92 -31.56
C ASP F 327 5.52 -9.06 -30.53
N ASN F 328 5.56 -7.76 -30.79
CA ASN F 328 6.19 -6.85 -29.87
C ASN F 328 5.31 -6.68 -28.66
N PHE F 329 5.26 -5.46 -28.19
CA PHE F 329 4.58 -5.11 -26.98
C PHE F 329 3.55 -4.05 -27.32
N GLU F 330 3.58 -2.95 -26.57
CA GLU F 330 2.62 -1.87 -26.76
C GLU F 330 3.20 -0.48 -26.55
N SER F 331 2.86 0.41 -27.48
CA SER F 331 3.49 1.72 -27.59
C SER F 331 3.39 2.52 -26.31
N ALA F 332 2.21 3.04 -26.03
CA ALA F 332 2.02 4.05 -25.00
C ALA F 332 0.66 4.64 -25.30
N VAL F 333 -0.18 4.63 -24.28
CA VAL F 333 -1.56 4.95 -24.39
C VAL F 333 -1.74 5.92 -23.23
PG ATP G . -10.18 -0.75 30.55
O1G ATP G . -11.36 -0.50 31.48
O2G ATP G . -10.22 -2.03 29.74
O3G ATP G . -9.92 0.47 29.70
PB ATP G . -7.47 -0.44 31.23
O1B ATP G . -7.44 -0.08 29.77
O2B ATP G . -6.88 0.52 32.22
O3B ATP G . -8.95 -0.93 31.58
PA ATP G . -6.84 -2.62 32.56
O1A ATP G . -5.41 -3.08 32.88
O2A ATP G . -7.94 -3.65 32.25
O3A ATP G . -6.64 -1.77 31.25
O5' ATP G . -7.33 -1.35 33.50
C5' ATP G . -6.57 -0.14 33.83
C4' ATP G . -6.87 0.61 35.16
O4' ATP G . -7.25 1.96 34.92
C3' ATP G . -8.04 -0.02 35.90
O3' ATP G . -7.76 -0.05 37.29
C2' ATP G . -9.22 0.88 35.74
O2' ATP G . -9.91 0.83 36.97
C1' ATP G . -8.57 2.22 35.44
N9 ATP G . -9.32 3.03 34.46
C8 ATP G . -9.85 2.62 33.29
N7 ATP G . -10.46 3.63 32.61
C5 ATP G . -10.32 4.76 33.37
C6 ATP G . -10.71 6.19 33.27
N6 ATP G . -11.39 6.71 32.25
N1 ATP G . -10.34 7.02 34.26
C2 ATP G . -9.67 6.55 35.33
N3 ATP G . -9.28 5.27 35.52
C4 ATP G . -9.57 4.33 34.58
CAC FLC H . -5.04 11.70 -20.27
CA FLC H . -4.90 13.20 -20.41
CB FLC H . -6.08 13.73 -21.22
CBC FLC H . -7.37 13.55 -20.42
CG FLC H . -5.92 15.20 -21.57
CGC FLC H . -6.97 15.62 -22.59
OA1 FLC H . -5.61 11.08 -21.20
OA2 FLC H . -4.62 11.11 -19.24
OB1 FLC H . -7.83 12.38 -20.32
OB2 FLC H . -7.91 14.54 -19.91
OG1 FLC H . -7.66 14.77 -23.19
OG2 FLC H . -7.10 16.83 -22.79
OHB FLC H . -6.14 13.02 -22.45
PG ATP I . -5.09 5.64 -31.89
O1G ATP I . -6.44 6.24 -32.27
O2G ATP I . -4.29 6.48 -30.88
O3G ATP I . -4.21 5.34 -33.10
PB ATP I . -5.74 2.63 -31.57
O1B ATP I . -6.79 1.88 -30.74
O2B ATP I . -6.04 2.56 -33.04
O3B ATP I . -5.55 4.23 -31.11
PA ATP I . -3.15 2.58 -32.51
O1A ATP I . -2.72 4.04 -32.49
O2A ATP I . -2.05 1.56 -32.64
O3A ATP I . -4.23 2.09 -31.40
O5' ATP I . -4.02 2.33 -33.78
C5' ATP I . -4.06 0.95 -34.05
C4' ATP I . -3.30 0.69 -35.34
O4' ATP I . -3.49 -0.66 -35.74
C3' ATP I . -4.02 1.48 -36.36
O3' ATP I . -3.08 1.77 -37.38
C2' ATP I . -5.16 0.59 -36.79
O2' ATP I . -5.38 0.70 -38.21
C1' ATP I . -4.78 -0.81 -36.31
N9 ATP I . -5.79 -1.34 -35.32
C8 ATP I . -6.35 -0.73 -34.27
N7 ATP I . -7.23 -1.54 -33.62
C5 ATP I . -7.27 -2.70 -34.28
C6 ATP I . -7.99 -4.01 -34.14
N6 ATP I . -8.88 -4.23 -33.13
N1 ATP I . -7.71 -4.98 -35.05
C2 ATP I . -6.84 -4.77 -36.05
N3 ATP I . -6.16 -3.62 -36.23
C4 ATP I . -6.31 -2.57 -35.39
#